data_9I1S
#
_entry.id   9I1S
#
_cell.length_a   59.327
_cell.length_b   70.632
_cell.length_c   86.149
_cell.angle_alpha   103.11
_cell.angle_beta   96.10
_cell.angle_gamma   112.15
#
_symmetry.space_group_name_H-M   'P 1'
#
loop_
_entity.id
_entity.type
_entity.pdbx_description
1 polymer 'Helicase nsp13'
2 non-polymer 'ZINC ION'
3 non-polymer 'PHOSPHATE ION'
4 non-polymer '3[N-MORPHOLINO]PROPANE SULFONIC ACID'
5 non-polymer 3,5,7-TRIHYDROXY-2-(3,4,5-TRIHYDROXYPHENYL)-4H-CHROMEN-4-ONE
6 water water
#
_entity_poly.entity_id   1
_entity_poly.type   'polypeptide(L)'
_entity_poly.pdbx_seq_one_letter_code
;SMAVGACVLCNSQTSLRCGACIRRPFLCCKCCYDHVISTSHKLVLSVNPYVCNAPGCDVTDVTQLYLGGMSYYCKSHKPP
ISFPLCANGQVFGLYKNTCVGSDNVTDFNAIATCDWTNAGDYILANTCTERLKLFAAETLKATEETFKLSYGIATVREVL
SDRELHLSWEVGKPRPPLNRNYVFTGYRVTKNSKVQIGEYTFEKGDYGDAVVYRGTTTYKLNVGDYFVLTSHTVMPLSAP
TLVPQEHYVRITGLYPTLNISDEFSSNVANYQKVGMQKYSTLQGPPGTGKSHFAIGLALYYPSARIVYTACSHAAVDALC
EKALKYLPIDKCSRIIPARARVECFDKFKVNSTLEQYVFCTVNALPETTADIVVFDEISMATNYDLSVVNARLRAKHYVY
IGDPAQLPAPRTLLTKGTLEPEYFNSVCRLMKTIGPDMFLGTCRRCPAEIVDTVSALVYDNKLKAHKDKSAQCFKMFYKG
VITHDVSSAINRPQIGVVREFLTRNPAWRKAVFISPYNSQNAVASKILGLPTQTVDSSQGSEYDYVIFTQTTETAHSCNV
NRFNVAITRAKVGILCIMSDRDLYDKLQFTSLEIPRRNVATLQ
;
_entity_poly.pdbx_strand_id   A,B
#
loop_
_chem_comp.id
_chem_comp.type
_chem_comp.name
_chem_comp.formula
MPO non-polymer '3[N-MORPHOLINO]PROPANE SULFONIC ACID' 'C7 H15 N O4 S'
MYC non-polymer 3,5,7-TRIHYDROXY-2-(3,4,5-TRIHYDROXYPHENYL)-4H-CHROMEN-4-ONE 'C15 H10 O8'
PO4 non-polymer 'PHOSPHATE ION' 'O4 P -3'
ZN non-polymer 'ZINC ION' 'Zn 2'
#
# COMPACT_ATOMS: atom_id res chain seq x y z
N ALA A 3 -20.74 9.76 14.61
CA ALA A 3 -21.31 10.93 15.28
C ALA A 3 -20.87 11.01 16.74
N VAL A 4 -19.89 10.18 17.11
CA VAL A 4 -19.32 10.18 18.45
C VAL A 4 -17.89 10.68 18.37
N GLY A 5 -17.56 11.66 19.20
CA GLY A 5 -16.22 12.22 19.22
C GLY A 5 -16.10 13.24 20.34
N ALA A 6 -14.93 13.89 20.39
CA ALA A 6 -14.64 14.88 21.40
C ALA A 6 -14.27 16.20 20.74
N CYS A 7 -14.37 17.28 21.51
CA CYS A 7 -14.13 18.62 20.98
C CYS A 7 -12.70 18.72 20.45
N VAL A 8 -12.53 19.45 19.34
CA VAL A 8 -11.21 19.62 18.75
C VAL A 8 -10.52 20.84 19.34
N LEU A 9 -11.03 21.35 20.45
CA LEU A 9 -10.47 22.53 21.11
C LEU A 9 -10.19 22.28 22.57
N CYS A 10 -11.04 21.51 23.26
CA CYS A 10 -10.88 21.22 24.67
C CYS A 10 -10.97 19.73 24.94
N ASN A 11 -11.20 18.92 23.91
CA ASN A 11 -11.25 17.46 23.98
C ASN A 11 -12.44 16.96 24.80
N SER A 12 -13.50 17.75 24.93
CA SER A 12 -14.71 17.31 25.61
C SER A 12 -15.59 16.52 24.65
N GLN A 13 -15.89 15.27 25.00
CA GLN A 13 -16.67 14.39 24.14
C GLN A 13 -18.04 15.00 23.87
N THR A 14 -18.53 14.80 22.64
CA THR A 14 -19.85 15.31 22.27
C THR A 14 -20.30 14.53 21.02
N SER A 15 -21.38 15.00 20.40
CA SER A 15 -21.90 14.44 19.16
C SER A 15 -22.15 15.53 18.13
N LEU A 16 -21.79 16.76 18.44
CA LEU A 16 -22.03 17.91 17.57
C LEU A 16 -20.85 18.10 16.62
N ARG A 17 -21.15 18.19 15.34
CA ARG A 17 -20.16 18.42 14.30
C ARG A 17 -20.61 19.64 13.51
N CYS A 18 -19.66 20.46 13.09
CA CYS A 18 -20.01 21.60 12.26
C CYS A 18 -20.21 21.13 10.82
N GLY A 19 -21.33 21.51 10.22
CA GLY A 19 -21.62 21.12 8.87
C GLY A 19 -21.18 22.12 7.83
N ALA A 20 -20.53 23.19 8.25
CA ALA A 20 -19.98 24.19 7.34
C ALA A 20 -18.47 24.03 7.16
N CYS A 21 -17.77 23.57 8.19
CA CYS A 21 -16.36 23.25 8.04
C CYS A 21 -16.18 22.12 7.04
N ILE A 22 -15.18 22.27 6.17
CA ILE A 22 -14.97 21.26 5.13
C ILE A 22 -14.54 19.93 5.72
N ARG A 23 -14.01 19.92 6.94
CA ARG A 23 -13.56 18.69 7.59
C ARG A 23 -14.53 18.22 8.66
N ARG A 24 -15.67 18.89 8.82
CA ARG A 24 -16.74 18.54 9.75
C ARG A 24 -16.17 18.05 11.09
N PRO A 25 -15.45 18.90 11.82
CA PRO A 25 -14.86 18.48 13.10
C PRO A 25 -15.91 18.31 14.18
N PHE A 26 -15.50 17.69 15.27
CA PHE A 26 -16.34 17.50 16.43
C PHE A 26 -16.12 18.66 17.40
N LEU A 27 -17.22 19.25 17.87
CA LEU A 27 -17.14 20.37 18.80
C LEU A 27 -18.00 20.07 20.02
N CYS A 28 -17.56 20.51 21.19
CA CYS A 28 -18.39 20.37 22.38
C CYS A 28 -19.49 21.42 22.34
N CYS A 29 -20.27 21.47 23.42
CA CYS A 29 -21.40 22.38 23.44
C CYS A 29 -20.98 23.82 23.72
N LYS A 30 -19.87 24.02 24.43
CA LYS A 30 -19.45 25.37 24.80
C LYS A 30 -18.72 26.06 23.65
N CYS A 31 -17.99 25.31 22.84
CA CYS A 31 -17.19 25.87 21.76
C CYS A 31 -18.02 26.00 20.49
N CYS A 32 -18.89 25.02 20.22
CA CYS A 32 -19.80 25.11 19.08
C CYS A 32 -20.53 26.44 19.08
N TYR A 33 -20.82 26.98 20.27
CA TYR A 33 -21.54 28.24 20.37
C TYR A 33 -20.71 29.39 19.82
N ASP A 34 -19.39 29.31 19.94
CA ASP A 34 -18.53 30.39 19.49
C ASP A 34 -18.22 30.24 18.01
N HIS A 35 -18.14 29.01 17.50
CA HIS A 35 -18.00 28.84 16.07
C HIS A 35 -19.22 29.43 15.37
N VAL A 36 -20.41 29.10 15.85
CA VAL A 36 -21.64 29.50 15.17
C VAL A 36 -21.97 30.98 15.41
N ILE A 37 -21.66 31.52 16.58
CA ILE A 37 -22.06 32.90 16.89
C ILE A 37 -21.00 33.92 16.51
N SER A 38 -19.85 33.48 16.01
CA SER A 38 -18.77 34.37 15.61
C SER A 38 -18.39 34.25 14.15
N THR A 39 -18.81 33.19 13.47
CA THR A 39 -18.52 32.94 12.07
C THR A 39 -19.82 32.91 11.28
N SER A 40 -19.73 32.47 10.03
CA SER A 40 -20.88 32.30 9.16
C SER A 40 -21.37 30.87 9.18
N HIS A 41 -20.72 30.01 9.97
CA HIS A 41 -21.03 28.60 10.06
C HIS A 41 -22.19 28.40 11.03
N LYS A 42 -23.35 28.00 10.52
CA LYS A 42 -24.54 27.88 11.34
C LYS A 42 -25.15 26.50 11.33
N LEU A 43 -24.76 25.63 10.39
CA LEU A 43 -25.23 24.25 10.36
C LEU A 43 -24.47 23.40 11.37
N VAL A 44 -25.20 22.82 12.32
CA VAL A 44 -24.65 21.86 13.26
C VAL A 44 -25.15 20.48 12.88
N LEU A 45 -24.26 19.48 12.95
CA LEU A 45 -24.58 18.12 12.55
C LEU A 45 -24.42 17.18 13.74
N SER A 46 -25.31 16.19 13.82
CA SER A 46 -25.28 15.14 14.82
C SER A 46 -25.79 13.86 14.15
N VAL A 47 -26.25 12.90 14.96
CA VAL A 47 -26.86 11.72 14.35
C VAL A 47 -27.98 12.18 13.43
N ASN A 48 -28.66 13.25 13.82
CA ASN A 48 -29.71 13.88 13.05
C ASN A 48 -29.29 15.31 12.74
N PRO A 49 -29.45 15.76 11.50
CA PRO A 49 -29.13 17.16 11.17
C PRO A 49 -29.97 18.13 11.97
N TYR A 50 -29.32 19.06 12.66
CA TYR A 50 -30.06 20.08 13.40
C TYR A 50 -30.70 20.98 12.35
N VAL A 51 -31.99 20.76 12.10
CA VAL A 51 -32.76 21.53 11.12
C VAL A 51 -34.22 21.49 11.55
N CYS A 52 -35.00 22.46 11.05
CA CYS A 52 -36.42 22.45 11.35
C CYS A 52 -37.08 21.23 10.72
N ASN A 53 -37.75 20.42 11.54
CA ASN A 53 -38.36 19.20 11.03
C ASN A 53 -39.71 19.45 10.40
N ALA A 54 -40.18 20.70 10.41
CA ALA A 54 -41.49 21.03 9.87
C ALA A 54 -41.46 20.99 8.34
N PRO A 55 -42.48 20.44 7.70
CA PRO A 55 -42.49 20.32 6.23
C PRO A 55 -42.31 21.65 5.53
N GLY A 56 -41.40 21.66 4.55
CA GLY A 56 -41.20 22.83 3.71
C GLY A 56 -40.28 23.89 4.28
N CYS A 57 -39.71 23.68 5.45
CA CYS A 57 -38.91 24.71 6.10
C CYS A 57 -37.45 24.54 5.74
N ASP A 58 -36.80 25.66 5.42
CA ASP A 58 -35.39 25.66 5.06
C ASP A 58 -34.51 26.22 6.17
N VAL A 59 -35.03 26.32 7.39
CA VAL A 59 -34.27 26.95 8.46
C VAL A 59 -33.21 25.97 8.94
N THR A 60 -31.94 26.33 8.75
CA THR A 60 -30.81 25.52 9.13
C THR A 60 -29.94 26.19 10.18
N ASP A 61 -30.11 27.49 10.40
CA ASP A 61 -29.28 28.24 11.33
C ASP A 61 -29.66 27.86 12.75
N VAL A 62 -28.71 27.29 13.49
CA VAL A 62 -28.99 26.79 14.83
C VAL A 62 -29.32 27.93 15.79
N THR A 63 -28.92 29.17 15.46
CA THR A 63 -29.29 30.31 16.29
C THR A 63 -30.78 30.58 16.20
N GLN A 64 -31.42 30.06 15.15
CA GLN A 64 -32.83 30.28 14.86
C GLN A 64 -33.66 29.03 15.13
N LEU A 65 -33.08 28.03 15.77
CA LEU A 65 -33.71 26.73 15.97
C LEU A 65 -34.02 26.51 17.44
N TYR A 66 -34.97 25.61 17.69
CA TYR A 66 -35.47 25.36 19.03
C TYR A 66 -35.69 23.87 19.25
N LEU A 67 -35.57 23.43 20.50
CA LEU A 67 -35.83 22.04 20.87
C LEU A 67 -37.28 21.91 21.30
N GLY A 68 -38.09 21.25 20.47
CA GLY A 68 -39.49 21.06 20.79
C GLY A 68 -39.81 19.58 20.84
N GLY A 69 -40.06 19.06 22.03
CA GLY A 69 -40.26 17.64 22.17
C GLY A 69 -38.92 16.95 21.97
N MET A 70 -38.84 16.11 20.94
CA MET A 70 -37.59 15.44 20.59
C MET A 70 -36.98 15.97 19.31
N SER A 71 -37.76 16.70 18.50
CA SER A 71 -37.32 17.22 17.22
C SER A 71 -36.93 18.68 17.38
N TYR A 72 -36.51 19.29 16.27
CA TYR A 72 -36.03 20.66 16.26
C TYR A 72 -36.89 21.48 15.32
N TYR A 73 -37.16 22.74 15.70
CA TYR A 73 -38.06 23.57 14.92
C TYR A 73 -37.57 25.02 14.97
N CYS A 74 -38.07 25.81 14.04
CA CYS A 74 -37.79 27.24 14.00
C CYS A 74 -38.80 27.99 14.85
N LYS A 75 -38.68 29.32 14.87
CA LYS A 75 -39.57 30.14 15.69
C LYS A 75 -41.00 30.15 15.15
N SER A 76 -41.19 29.80 13.89
CA SER A 76 -42.52 29.82 13.26
C SER A 76 -43.21 28.47 13.34
N HIS A 77 -42.51 27.44 13.82
CA HIS A 77 -43.03 26.09 13.85
C HIS A 77 -42.88 25.43 15.22
N LYS A 78 -42.22 26.08 16.17
CA LYS A 78 -41.94 25.43 17.44
C LYS A 78 -43.19 25.33 18.30
N PRO A 79 -43.31 24.28 19.10
CA PRO A 79 -44.44 24.14 20.01
C PRO A 79 -44.34 25.12 21.15
N PRO A 80 -45.43 25.34 21.88
CA PRO A 80 -45.37 26.24 23.05
C PRO A 80 -44.19 25.96 23.98
N ILE A 81 -43.97 24.71 24.36
CA ILE A 81 -42.88 24.35 25.28
C ILE A 81 -41.67 23.99 24.44
N SER A 82 -40.77 24.95 24.24
CA SER A 82 -39.60 24.73 23.40
C SER A 82 -38.42 25.53 23.95
N PHE A 83 -37.26 24.89 24.00
CA PHE A 83 -36.05 25.56 24.48
C PHE A 83 -35.15 25.93 23.30
N PRO A 84 -34.53 27.12 23.32
CA PRO A 84 -33.63 27.48 22.22
C PRO A 84 -32.40 26.59 22.22
N LEU A 85 -32.04 26.09 21.03
CA LEU A 85 -30.88 25.22 20.92
C LEU A 85 -29.61 25.97 21.33
N CYS A 86 -29.44 27.19 20.83
CA CYS A 86 -28.31 28.05 21.21
C CYS A 86 -28.70 28.82 22.47
N ALA A 87 -28.46 28.21 23.63
CA ALA A 87 -28.87 28.79 24.90
C ALA A 87 -27.71 28.78 25.88
N ASN A 88 -27.61 29.85 26.67
CA ASN A 88 -26.61 29.99 27.72
C ASN A 88 -25.22 29.61 27.21
N GLY A 89 -24.76 30.36 26.21
CA GLY A 89 -23.45 30.13 25.62
C GLY A 89 -23.16 28.67 25.36
N GLN A 90 -24.20 27.92 24.99
CA GLN A 90 -24.07 26.49 24.72
C GLN A 90 -25.04 26.10 23.61
N VAL A 91 -24.72 24.99 22.95
CA VAL A 91 -25.57 24.43 21.90
C VAL A 91 -26.02 23.06 22.38
N PHE A 92 -27.34 22.85 22.42
CA PHE A 92 -27.91 21.61 22.94
C PHE A 92 -27.23 20.40 22.32
N GLY A 93 -26.68 19.56 23.19
CA GLY A 93 -26.02 18.33 22.78
C GLY A 93 -25.69 17.53 24.02
N LEU A 94 -25.07 16.37 23.80
CA LEU A 94 -24.82 15.49 24.93
C LEU A 94 -23.72 16.08 25.81
N TYR A 95 -23.59 15.51 27.01
CA TYR A 95 -22.52 15.88 27.95
C TYR A 95 -22.49 17.40 28.19
N LYS A 96 -23.64 18.06 28.05
CA LYS A 96 -23.76 19.49 28.27
C LYS A 96 -23.26 19.89 29.66
N VAL A 105 -10.66 29.62 20.54
CA VAL A 105 -11.79 29.48 19.63
C VAL A 105 -11.67 30.48 18.47
N THR A 106 -11.16 31.68 18.77
CA THR A 106 -10.92 32.66 17.71
C THR A 106 -9.99 32.08 16.64
N ASP A 107 -8.87 31.50 17.07
CA ASP A 107 -7.96 30.89 16.12
C ASP A 107 -8.65 29.77 15.35
N PHE A 108 -9.43 28.94 16.04
CA PHE A 108 -10.18 27.90 15.34
C PHE A 108 -11.10 28.53 14.30
N ASN A 109 -11.71 29.67 14.65
CA ASN A 109 -12.64 30.32 13.75
C ASN A 109 -11.92 30.80 12.50
N ALA A 110 -10.75 31.40 12.67
CA ALA A 110 -9.96 31.86 11.54
C ALA A 110 -9.53 30.68 10.66
N ILE A 111 -9.04 29.61 11.29
CA ILE A 111 -8.60 28.44 10.54
C ILE A 111 -9.76 27.82 9.77
N ALA A 112 -10.97 27.90 10.32
CA ALA A 112 -12.11 27.28 9.68
C ALA A 112 -12.68 28.12 8.55
N THR A 113 -12.56 29.45 8.65
CA THR A 113 -13.17 30.35 7.68
C THR A 113 -12.21 30.89 6.63
N CYS A 114 -10.92 30.61 6.74
CA CYS A 114 -9.95 31.20 5.83
C CYS A 114 -9.93 30.45 4.50
N ASP A 115 -9.36 31.08 3.48
CA ASP A 115 -9.25 30.48 2.15
C ASP A 115 -7.84 30.04 1.81
N TRP A 116 -6.89 30.23 2.72
CA TRP A 116 -5.50 29.77 2.57
C TRP A 116 -4.75 30.49 1.46
N THR A 117 -5.17 31.70 1.12
CA THR A 117 -4.50 32.49 0.11
C THR A 117 -3.57 33.53 0.72
N ASN A 118 -3.64 33.72 2.03
CA ASN A 118 -2.87 34.71 2.75
C ASN A 118 -1.83 34.02 3.63
N ALA A 119 -0.69 34.69 3.81
CA ALA A 119 0.37 34.11 4.63
C ALA A 119 -0.05 34.02 6.09
N GLY A 120 -0.86 34.97 6.56
CA GLY A 120 -1.34 34.92 7.93
C GLY A 120 -2.10 33.65 8.25
N ASP A 121 -2.72 33.03 7.24
CA ASP A 121 -3.38 31.75 7.46
C ASP A 121 -2.36 30.69 7.85
N TYR A 122 -1.23 30.65 7.14
CA TYR A 122 -0.21 29.64 7.41
C TYR A 122 0.51 29.96 8.71
N ILE A 123 0.60 31.25 9.06
CA ILE A 123 1.24 31.64 10.31
C ILE A 123 0.43 31.10 11.49
N LEU A 124 -0.88 31.31 11.45
CA LEU A 124 -1.76 30.79 12.49
C LEU A 124 -1.71 29.27 12.55
N ALA A 125 -1.68 28.60 11.40
CA ALA A 125 -1.68 27.14 11.36
C ALA A 125 -0.45 26.53 12.00
N ASN A 126 0.52 27.36 12.42
CA ASN A 126 1.75 26.88 13.01
C ASN A 126 2.03 27.51 14.36
N THR A 127 1.23 28.50 14.78
CA THR A 127 1.33 29.13 16.08
C THR A 127 0.19 28.71 17.00
N CYS A 128 -0.62 27.74 16.58
CA CYS A 128 -1.79 27.29 17.30
C CYS A 128 -1.48 26.01 18.08
N THR A 129 -2.48 25.50 18.79
CA THR A 129 -2.33 24.25 19.50
C THR A 129 -2.15 23.09 18.53
N GLU A 130 -1.64 21.96 19.05
CA GLU A 130 -1.36 20.82 18.20
C GLU A 130 -2.61 20.34 17.47
N ARG A 131 -3.69 20.12 18.21
CA ARG A 131 -4.92 19.66 17.55
C ARG A 131 -5.35 20.66 16.49
N LEU A 132 -5.24 21.95 16.79
CA LEU A 132 -5.54 22.97 15.80
C LEU A 132 -4.58 22.88 14.62
N LYS A 133 -3.31 22.58 14.88
CA LYS A 133 -2.35 22.42 13.79
C LYS A 133 -2.78 21.31 12.86
N LEU A 134 -3.40 20.26 13.42
CA LEU A 134 -3.79 19.10 12.62
C LEU A 134 -5.09 19.36 11.90
N PHE A 135 -5.95 20.21 12.47
CA PHE A 135 -7.18 20.60 11.78
C PHE A 135 -6.83 21.47 10.59
N ALA A 136 -5.99 22.48 10.81
CA ALA A 136 -5.52 23.35 9.73
C ALA A 136 -4.89 22.54 8.61
N ALA A 137 -4.02 21.58 8.95
CA ALA A 137 -3.34 20.80 7.92
C ALA A 137 -4.34 20.09 7.03
N GLU A 138 -5.31 19.41 7.64
CA GLU A 138 -6.26 18.62 6.87
C GLU A 138 -7.19 19.52 6.09
N THR A 139 -7.63 20.63 6.70
CA THR A 139 -8.44 21.61 6.00
C THR A 139 -7.68 22.16 4.79
N LEU A 140 -6.42 22.55 5.00
CA LEU A 140 -5.62 23.10 3.91
C LEU A 140 -5.52 22.10 2.77
N LYS A 141 -5.18 20.84 3.08
CA LYS A 141 -5.05 19.84 2.03
C LYS A 141 -6.38 19.68 1.30
N ALA A 142 -7.49 19.67 2.05
CA ALA A 142 -8.80 19.56 1.42
C ALA A 142 -9.05 20.76 0.50
N THR A 143 -8.82 21.97 1.01
CA THR A 143 -9.05 23.16 0.20
C THR A 143 -8.17 23.13 -1.04
N GLU A 144 -6.94 22.61 -0.89
CA GLU A 144 -6.04 22.49 -2.03
C GLU A 144 -6.61 21.54 -3.07
N GLU A 145 -7.25 20.45 -2.62
CA GLU A 145 -7.76 19.43 -3.52
C GLU A 145 -9.08 19.85 -4.14
N THR A 146 -10.03 20.30 -3.30
CA THR A 146 -11.34 20.72 -3.79
C THR A 146 -11.24 21.81 -4.85
N PHE A 147 -10.07 22.40 -5.03
CA PHE A 147 -9.85 23.49 -5.97
C PHE A 147 -9.06 23.04 -7.19
N LYS A 148 -8.24 22.00 -7.04
CA LYS A 148 -7.49 21.43 -8.15
C LYS A 148 -8.39 20.92 -9.26
N LEU A 149 -9.70 20.90 -9.03
CA LEU A 149 -10.70 20.49 -10.00
C LEU A 149 -11.31 21.66 -10.76
N SER A 150 -10.69 22.84 -10.68
CA SER A 150 -11.26 24.05 -11.26
C SER A 150 -10.38 24.67 -12.34
N TYR A 151 -9.46 23.90 -12.91
CA TYR A 151 -8.68 24.35 -14.05
C TYR A 151 -9.15 23.64 -15.31
N GLY A 152 -8.74 24.17 -16.46
CA GLY A 152 -9.20 23.62 -17.72
C GLY A 152 -8.53 22.31 -18.08
N ILE A 153 -9.11 21.64 -19.07
CA ILE A 153 -8.63 20.35 -19.52
C ILE A 153 -7.81 20.58 -20.79
N ALA A 154 -6.91 19.64 -21.08
CA ALA A 154 -5.99 19.75 -22.20
C ALA A 154 -6.36 18.76 -23.29
N THR A 155 -6.36 19.24 -24.54
CA THR A 155 -6.59 18.39 -25.71
C THR A 155 -5.46 18.61 -26.70
N VAL A 156 -4.95 17.52 -27.27
CA VAL A 156 -3.78 17.56 -28.13
C VAL A 156 -4.19 18.03 -29.53
N ARG A 157 -3.61 19.14 -29.97
CA ARG A 157 -3.86 19.63 -31.33
C ARG A 157 -3.16 18.73 -32.35
N GLU A 158 -1.84 18.69 -32.33
CA GLU A 158 -1.07 17.79 -33.17
C GLU A 158 0.15 17.30 -32.41
N VAL A 159 0.60 16.09 -32.75
CA VAL A 159 1.78 15.48 -32.15
C VAL A 159 2.94 15.63 -33.13
N LEU A 160 3.96 16.40 -32.73
CA LEU A 160 5.08 16.68 -33.62
C LEU A 160 6.20 15.65 -33.48
N SER A 161 6.68 15.44 -32.25
CA SER A 161 7.78 14.52 -32.00
C SER A 161 7.35 13.58 -30.87
N ASP A 162 8.32 12.90 -30.28
CA ASP A 162 8.07 12.06 -29.12
C ASP A 162 8.18 12.83 -27.82
N ARG A 163 8.61 14.10 -27.89
CA ARG A 163 8.87 14.92 -26.71
C ARG A 163 8.24 16.30 -26.84
N GLU A 164 7.32 16.49 -27.78
CA GLU A 164 6.71 17.80 -28.00
C GLU A 164 5.33 17.60 -28.63
N LEU A 165 4.37 18.41 -28.18
CA LEU A 165 3.01 18.33 -28.69
C LEU A 165 2.45 19.75 -28.86
N HIS A 166 1.33 19.82 -29.55
CA HIS A 166 0.54 21.04 -29.66
C HIS A 166 -0.72 20.84 -28.82
N LEU A 167 -1.05 21.82 -28.00
CA LEU A 167 -2.13 21.68 -27.03
C LEU A 167 -3.26 22.67 -27.30
N SER A 168 -4.49 22.24 -26.98
CA SER A 168 -5.69 23.07 -27.05
C SER A 168 -6.38 23.02 -25.70
N TRP A 169 -6.75 24.18 -25.17
CA TRP A 169 -7.29 24.29 -23.83
C TRP A 169 -8.79 24.60 -23.83
N GLU A 170 -9.46 24.08 -22.81
CA GLU A 170 -10.90 24.25 -22.64
C GLU A 170 -11.27 25.71 -22.36
N VAL A 171 -12.45 26.10 -22.83
CA VAL A 171 -12.99 27.44 -22.62
C VAL A 171 -13.79 27.47 -21.34
N GLY A 172 -13.72 28.58 -20.60
CA GLY A 172 -14.47 28.78 -19.39
C GLY A 172 -13.66 28.69 -18.12
N LYS A 173 -12.61 27.85 -18.11
CA LYS A 173 -11.81 27.63 -16.91
C LYS A 173 -10.41 28.18 -17.11
N PRO A 174 -9.74 28.60 -16.03
CA PRO A 174 -8.33 29.02 -16.14
C PRO A 174 -7.43 27.86 -16.53
N ARG A 175 -6.25 28.21 -17.05
CA ARG A 175 -5.30 27.20 -17.49
C ARG A 175 -4.22 27.01 -16.44
N PRO A 176 -3.90 25.77 -16.07
CA PRO A 176 -2.81 25.52 -15.11
C PRO A 176 -1.46 25.77 -15.74
N PRO A 177 -0.51 26.39 -15.00
CA PRO A 177 0.85 26.55 -15.52
C PRO A 177 1.50 25.26 -15.98
N LEU A 178 2.53 25.37 -16.81
CA LEU A 178 3.22 24.22 -17.39
C LEU A 178 4.58 24.04 -16.71
N ASN A 179 4.55 23.58 -15.46
CA ASN A 179 5.76 23.21 -14.74
C ASN A 179 5.59 21.79 -14.20
N ARG A 180 6.70 21.19 -13.80
CA ARG A 180 6.61 19.83 -13.25
C ARG A 180 5.86 19.83 -11.92
N ASN A 181 5.83 20.97 -11.24
CA ASN A 181 5.04 21.10 -10.03
C ASN A 181 3.57 20.79 -10.30
N TYR A 182 3.11 21.08 -11.52
CA TYR A 182 1.74 20.86 -11.95
C TYR A 182 1.72 19.58 -12.79
N VAL A 183 1.59 18.44 -12.12
CA VAL A 183 1.57 17.15 -12.81
C VAL A 183 0.16 16.85 -13.30
N PHE A 184 0.07 16.09 -14.39
CA PHE A 184 -1.20 15.77 -15.01
C PHE A 184 -1.36 14.27 -15.17
N THR A 185 -2.60 13.80 -15.09
CA THR A 185 -2.94 12.41 -15.35
C THR A 185 -3.52 12.31 -16.75
N GLY A 186 -2.97 11.43 -17.57
CA GLY A 186 -3.38 11.28 -18.95
C GLY A 186 -4.34 10.12 -19.14
N TYR A 187 -5.29 10.31 -20.05
CA TYR A 187 -6.27 9.28 -20.38
C TYR A 187 -6.46 9.20 -21.89
N GLN A 196 -6.24 5.65 -19.28
CA GLN A 196 -5.20 5.91 -18.29
C GLN A 196 -3.82 5.75 -18.92
N ILE A 197 -3.41 6.74 -19.73
CA ILE A 197 -2.14 6.63 -20.44
C ILE A 197 -0.94 6.99 -19.57
N GLY A 198 -1.16 7.29 -18.30
CA GLY A 198 -0.09 7.55 -17.36
C GLY A 198 0.03 9.03 -17.03
N GLU A 199 0.79 9.30 -15.97
CA GLU A 199 0.99 10.67 -15.54
C GLU A 199 1.83 11.42 -16.57
N TYR A 200 1.65 12.74 -16.62
CA TYR A 200 2.32 13.55 -17.62
C TYR A 200 2.65 14.92 -17.03
N THR A 201 3.75 15.50 -17.52
CA THR A 201 4.14 16.85 -17.17
C THR A 201 4.40 17.62 -18.47
N PHE A 202 4.22 18.93 -18.42
CA PHE A 202 4.32 19.76 -19.62
C PHE A 202 5.22 20.96 -19.35
N GLU A 203 5.97 21.35 -20.39
CA GLU A 203 6.85 22.51 -20.32
C GLU A 203 6.55 23.46 -21.47
N LYS A 204 6.28 24.72 -21.15
CA LYS A 204 6.01 25.74 -22.15
C LYS A 204 7.22 25.97 -23.07
N ASP A 209 4.88 28.45 -28.46
CA ASP A 209 3.83 27.71 -29.15
C ASP A 209 3.84 26.24 -28.72
N ALA A 210 4.83 25.49 -29.21
CA ALA A 210 4.90 24.07 -28.91
C ALA A 210 5.17 23.83 -27.43
N VAL A 211 4.57 22.78 -26.89
CA VAL A 211 4.75 22.38 -25.49
C VAL A 211 5.45 21.03 -25.45
N VAL A 212 6.47 20.92 -24.60
CA VAL A 212 7.20 19.67 -24.43
C VAL A 212 6.45 18.78 -23.45
N TYR A 213 6.24 17.52 -23.83
CA TYR A 213 5.48 16.60 -22.99
C TYR A 213 6.40 15.50 -22.46
N ARG A 214 6.06 14.98 -21.29
CA ARG A 214 6.89 13.99 -20.60
C ARG A 214 6.00 12.85 -20.07
N GLY A 215 5.98 11.75 -20.81
CA GLY A 215 5.16 10.61 -20.45
C GLY A 215 5.87 9.64 -19.54
N THR A 216 5.31 9.40 -18.35
CA THR A 216 5.87 8.43 -17.42
C THR A 216 6.03 7.06 -18.09
N THR A 217 5.43 6.92 -19.26
CA THR A 217 5.52 5.72 -20.08
C THR A 217 5.90 6.13 -21.49
N THR A 218 6.33 5.16 -22.28
CA THR A 218 6.68 5.42 -23.69
C THR A 218 5.48 5.22 -24.61
N TYR A 219 4.32 5.70 -24.19
CA TYR A 219 3.12 5.64 -25.01
C TYR A 219 3.14 6.81 -25.99
N LYS A 220 2.96 6.50 -27.27
CA LYS A 220 3.02 7.54 -28.29
C LYS A 220 1.80 8.45 -28.23
N LEU A 221 1.88 9.51 -27.44
CA LEU A 221 0.73 10.38 -27.25
C LEU A 221 0.12 10.73 -28.62
N ASN A 222 -1.12 10.35 -28.85
CA ASN A 222 -1.82 10.63 -30.11
C ASN A 222 -2.76 11.84 -29.93
N VAL A 223 -3.43 12.25 -31.03
CA VAL A 223 -4.37 13.37 -30.96
C VAL A 223 -5.71 12.81 -30.51
N GLY A 224 -6.60 13.68 -30.04
CA GLY A 224 -7.86 13.21 -29.49
C GLY A 224 -7.68 12.75 -28.07
N ASP A 225 -6.44 12.71 -27.60
CA ASP A 225 -6.12 12.36 -26.23
C ASP A 225 -6.42 13.58 -25.36
N TYR A 226 -6.37 13.39 -24.06
CA TYR A 226 -6.71 14.47 -23.13
C TYR A 226 -5.92 14.42 -21.80
N VAL A 228 -5.88 15.05 -17.12
CA VAL A 228 -6.45 16.03 -16.22
C VAL A 228 -5.49 16.23 -15.02
N LEU A 229 -5.50 17.41 -14.42
CA LEU A 229 -4.63 17.69 -13.28
C LEU A 229 -4.75 16.57 -12.25
N THR A 230 -3.61 16.10 -11.75
CA THR A 230 -3.60 15.05 -10.74
C THR A 230 -4.37 15.54 -9.51
N SER A 231 -4.95 14.62 -8.75
CA SER A 231 -5.62 15.02 -7.50
C SER A 231 -5.43 13.91 -6.44
N HIS A 232 -6.34 13.86 -5.46
CA HIS A 232 -6.23 12.90 -4.35
C HIS A 232 -7.37 13.11 -3.37
N THR A 233 -7.53 12.15 -2.45
CA THR A 233 -8.56 12.23 -1.42
C THR A 233 -7.86 12.47 -0.10
N VAL A 234 -8.28 13.51 0.62
CA VAL A 234 -7.64 13.92 1.87
C VAL A 234 -8.06 12.95 2.97
N MET A 235 -7.22 11.95 3.25
CA MET A 235 -7.48 11.08 4.37
C MET A 235 -7.30 11.87 5.67
N PRO A 236 -8.04 11.52 6.72
CA PRO A 236 -7.93 12.27 7.98
C PRO A 236 -6.60 11.99 8.66
N LEU A 237 -6.31 12.78 9.69
CA LEU A 237 -5.06 12.69 10.43
C LEU A 237 -5.35 12.40 11.90
N SER A 238 -4.39 11.76 12.57
CA SER A 238 -4.58 11.37 13.96
C SER A 238 -3.35 11.68 14.79
N ALA A 239 -2.16 11.46 14.24
CA ALA A 239 -0.95 11.62 15.02
C ALA A 239 -0.51 13.08 15.03
N PRO A 240 0.15 13.53 16.09
CA PRO A 240 0.67 14.90 16.12
C PRO A 240 1.82 15.08 15.15
N THR A 241 2.17 16.35 14.90
CA THR A 241 3.31 16.64 14.04
C THR A 241 4.60 16.16 14.70
N LEU A 242 4.77 16.52 15.96
CA LEU A 242 5.90 16.10 16.78
C LEU A 242 5.36 15.36 17.99
N VAL A 243 5.90 14.16 18.24
CA VAL A 243 5.53 13.43 19.46
C VAL A 243 6.04 14.25 20.64
N PRO A 244 5.38 14.20 21.80
CA PRO A 244 5.90 14.92 22.97
C PRO A 244 7.35 14.57 23.21
N GLN A 245 8.12 15.54 23.69
CA GLN A 245 9.55 15.33 23.84
C GLN A 245 9.82 14.50 25.09
N GLU A 246 10.84 13.65 25.00
CA GLU A 246 11.29 12.86 26.12
C GLU A 246 12.81 12.98 26.22
N HIS A 247 13.29 13.36 27.39
CA HIS A 247 14.72 13.44 27.65
C HIS A 247 15.13 12.32 28.61
N TYR A 248 16.03 11.46 28.16
CA TYR A 248 16.47 10.31 28.92
C TYR A 248 17.78 10.63 29.62
N VAL A 249 18.16 9.77 30.56
CA VAL A 249 19.41 9.96 31.29
C VAL A 249 20.58 9.32 30.56
N ARG A 250 20.32 8.35 29.69
CA ARG A 250 21.37 7.62 28.98
C ARG A 250 20.76 7.13 27.67
N ILE A 251 21.64 6.65 26.78
CA ILE A 251 21.16 6.11 25.51
C ILE A 251 20.13 5.02 25.79
N THR A 252 18.92 5.22 25.29
CA THR A 252 17.81 4.33 25.57
C THR A 252 17.39 3.63 24.28
N GLY A 253 17.29 2.30 24.33
CA GLY A 253 16.78 1.54 23.22
C GLY A 253 17.82 1.18 22.16
N LEU A 254 19.03 1.73 22.25
CA LEU A 254 20.03 1.55 21.22
C LEU A 254 21.32 1.05 21.85
N TYR A 255 22.13 0.39 21.02
CA TYR A 255 23.37 -0.25 21.48
C TYR A 255 24.56 0.33 20.74
N PRO A 256 25.29 1.27 21.33
CA PRO A 256 26.39 1.93 20.64
C PRO A 256 27.54 1.01 20.33
N THR A 257 28.24 1.31 19.25
CA THR A 257 29.49 0.63 18.94
C THR A 257 30.62 1.33 19.68
N LEU A 258 31.79 0.69 19.68
CA LEU A 258 32.97 1.26 20.28
C LEU A 258 34.12 1.36 19.29
N ASN A 259 33.91 0.88 18.06
CA ASN A 259 34.85 1.00 16.96
C ASN A 259 34.12 1.64 15.78
N ILE A 260 33.93 2.96 15.84
CA ILE A 260 33.33 3.71 14.75
C ILE A 260 34.46 4.30 13.90
N SER A 261 34.35 4.13 12.59
CA SER A 261 35.32 4.70 11.67
C SER A 261 35.62 6.15 12.01
N ASP A 262 36.88 6.55 11.79
CA ASP A 262 37.25 7.94 12.07
C ASP A 262 36.49 8.90 11.17
N GLU A 263 36.01 8.41 10.02
CA GLU A 263 35.28 9.25 9.08
C GLU A 263 34.00 9.77 9.70
N PHE A 264 33.52 9.13 10.76
CA PHE A 264 32.27 9.46 11.43
C PHE A 264 32.49 9.83 12.88
N SER A 265 33.75 9.92 13.32
CA SER A 265 34.06 10.16 14.73
C SER A 265 33.61 11.55 15.18
N SER A 266 33.54 12.50 14.26
CA SER A 266 33.19 13.87 14.65
C SER A 266 31.74 13.97 15.09
N ASN A 267 30.89 13.02 14.72
CA ASN A 267 29.47 13.06 15.01
C ASN A 267 29.08 12.23 16.23
N VAL A 268 30.05 11.69 16.97
CA VAL A 268 29.72 10.78 18.06
C VAL A 268 28.96 11.52 19.15
N ALA A 269 29.42 12.72 19.51
CA ALA A 269 28.74 13.46 20.57
C ALA A 269 27.31 13.80 20.16
N ASN A 270 27.09 14.02 18.86
CA ASN A 270 25.73 14.23 18.36
C ASN A 270 24.98 12.90 18.27
N TYR A 271 25.70 11.83 17.90
CA TYR A 271 25.06 10.52 17.79
C TYR A 271 24.57 10.04 19.15
N GLN A 272 25.11 10.60 20.23
CA GLN A 272 24.71 10.22 21.58
C GLN A 272 23.46 11.00 21.98
N LYS A 273 23.41 12.28 21.63
CA LYS A 273 22.24 13.09 21.96
C LYS A 273 20.99 12.50 21.34
N VAL A 274 21.13 11.95 20.13
CA VAL A 274 20.01 11.30 19.44
C VAL A 274 19.43 10.20 20.31
N GLY A 275 20.29 9.48 21.05
CA GLY A 275 19.83 8.37 21.85
C GLY A 275 19.30 8.77 23.21
N MET A 276 19.62 9.99 23.66
CA MET A 276 19.21 10.48 24.97
C MET A 276 17.99 11.40 24.87
N GLN A 277 17.25 11.32 23.76
CA GLN A 277 16.10 12.18 23.50
C GLN A 277 15.13 11.43 22.60
N LYS A 278 13.86 11.82 22.68
CA LYS A 278 12.83 11.18 21.85
C LYS A 278 12.98 11.61 20.39
N TYR A 279 13.01 12.93 20.14
CA TYR A 279 13.26 13.46 18.81
C TYR A 279 14.39 14.47 18.88
N SER A 280 15.08 14.67 17.77
CA SER A 280 16.23 15.57 17.70
C SER A 280 16.20 16.39 16.41
N THR A 281 16.66 17.63 16.48
CA THR A 281 16.68 18.55 15.34
C THR A 281 18.11 18.87 14.90
N LEU A 282 18.42 18.69 13.61
CA LEU A 282 19.73 19.01 13.05
C LEU A 282 19.65 20.06 11.94
N GLN A 283 20.20 21.25 12.15
CA GLN A 283 20.28 22.24 11.07
C GLN A 283 21.56 21.97 10.29
N GLY A 284 21.42 21.61 9.03
CA GLY A 284 22.54 21.28 8.18
C GLY A 284 22.62 22.16 6.96
N PRO A 285 23.32 23.29 7.05
CA PRO A 285 23.56 24.13 5.86
C PRO A 285 24.15 23.33 4.72
N PRO A 286 24.10 23.87 3.50
CA PRO A 286 24.59 23.13 2.33
C PRO A 286 26.03 22.67 2.47
N GLY A 287 26.28 21.42 2.08
CA GLY A 287 27.62 20.86 2.06
C GLY A 287 28.24 20.61 3.40
N THR A 288 27.44 20.57 4.47
CA THR A 288 27.95 20.39 5.82
C THR A 288 27.95 18.93 6.26
N GLY A 289 27.42 18.02 5.46
CA GLY A 289 27.46 16.61 5.75
C GLY A 289 26.23 16.05 6.42
N LYS A 290 25.04 16.35 5.86
CA LYS A 290 23.80 15.83 6.44
C LYS A 290 23.67 14.34 6.15
N SER A 291 23.77 13.96 4.86
CA SER A 291 23.69 12.55 4.50
C SER A 291 24.76 11.76 5.24
N HIS A 292 25.94 12.34 5.41
CA HIS A 292 27.01 11.68 6.12
C HIS A 292 26.61 11.43 7.57
N PHE A 293 25.98 12.42 8.20
CA PHE A 293 25.48 12.23 9.56
C PHE A 293 24.42 11.14 9.60
N ALA A 294 23.58 11.06 8.55
CA ALA A 294 22.46 10.12 8.56
C ALA A 294 22.97 8.69 8.49
N ILE A 295 23.77 8.38 7.47
CA ILE A 295 24.27 7.02 7.31
C ILE A 295 25.21 6.67 8.46
N GLY A 296 25.89 7.66 9.03
CA GLY A 296 26.81 7.39 10.12
C GLY A 296 26.08 6.99 11.38
N LEU A 297 24.83 7.42 11.52
CA LEU A 297 24.04 7.07 12.69
C LEU A 297 23.84 5.56 12.76
N ALA A 298 23.76 4.91 11.59
CA ALA A 298 23.59 3.46 11.53
C ALA A 298 24.89 2.75 11.88
N LEU A 299 26.04 3.34 11.51
CA LEU A 299 27.31 2.72 11.82
C LEU A 299 27.61 2.80 13.31
N TYR A 300 27.02 3.79 13.99
CA TYR A 300 27.18 3.90 15.44
C TYR A 300 26.21 2.99 16.17
N TYR A 301 25.07 2.67 15.53
CA TYR A 301 24.06 1.76 16.06
C TYR A 301 23.87 0.66 15.03
N PRO A 302 24.80 -0.28 14.93
CA PRO A 302 24.80 -1.23 13.82
C PRO A 302 23.71 -2.29 13.89
N SER A 303 22.98 -2.38 15.00
CA SER A 303 21.93 -3.37 15.15
C SER A 303 20.53 -2.77 15.02
N ALA A 304 20.44 -1.44 14.94
CA ALA A 304 19.16 -0.76 14.93
C ALA A 304 18.51 -0.81 13.55
N ARG A 305 17.18 -0.84 13.56
CA ARG A 305 16.39 -0.76 12.34
C ARG A 305 16.18 0.71 12.07
N ILE A 306 16.50 1.16 10.86
CA ILE A 306 16.42 2.58 10.53
C ILE A 306 15.57 2.75 9.29
N VAL A 307 14.58 3.61 9.39
CA VAL A 307 13.75 3.98 8.26
C VAL A 307 14.22 5.37 7.83
N TYR A 308 14.67 5.48 6.59
CA TYR A 308 15.09 6.75 6.02
C TYR A 308 13.97 7.24 5.13
N THR A 309 13.39 8.39 5.46
CA THR A 309 12.25 8.91 4.72
C THR A 309 12.43 10.39 4.42
N ALA A 310 11.78 10.81 3.33
CA ALA A 310 11.73 12.21 2.90
C ALA A 310 10.53 12.37 2.00
N CYS A 311 10.15 13.62 1.73
CA CYS A 311 8.95 13.85 0.94
C CYS A 311 9.17 13.59 -0.55
N SER A 312 10.39 13.83 -1.05
CA SER A 312 10.69 13.70 -2.46
C SER A 312 11.43 12.40 -2.74
N HIS A 313 11.35 11.96 -4.00
CA HIS A 313 12.04 10.75 -4.40
C HIS A 313 13.53 11.01 -4.55
N ALA A 314 13.92 12.24 -4.90
CA ALA A 314 15.33 12.55 -5.09
C ALA A 314 16.08 12.54 -3.77
N ALA A 315 15.42 12.95 -2.68
CA ALA A 315 16.06 12.94 -1.37
C ALA A 315 16.34 11.51 -0.93
N VAL A 316 15.34 10.64 -1.03
CA VAL A 316 15.53 9.24 -0.65
C VAL A 316 16.64 8.61 -1.49
N ASP A 317 16.64 8.90 -2.79
CA ASP A 317 17.69 8.37 -3.67
C ASP A 317 19.06 8.89 -3.24
N ALA A 318 19.13 10.14 -2.79
CA ALA A 318 20.40 10.68 -2.32
C ALA A 318 20.86 9.91 -1.10
N LEU A 319 19.93 9.58 -0.20
CA LEU A 319 20.28 8.84 1.00
C LEU A 319 20.65 7.41 0.65
N CYS A 320 20.01 6.85 -0.38
CA CYS A 320 20.34 5.50 -0.83
C CYS A 320 21.76 5.47 -1.37
N GLU A 321 22.09 6.41 -2.26
CA GLU A 321 23.42 6.42 -2.86
C GLU A 321 24.49 6.53 -1.78
N LYS A 322 24.19 7.25 -0.69
CA LYS A 322 25.15 7.39 0.40
C LYS A 322 25.27 6.08 1.18
N ALA A 323 24.16 5.35 1.32
CA ALA A 323 24.17 4.09 2.04
C ALA A 323 24.91 3.01 1.26
N LEU A 324 24.82 3.06 -0.07
CA LEU A 324 25.42 2.09 -0.96
C LEU A 324 26.94 2.05 -0.83
N LYS A 325 27.49 2.92 0.00
CA LYS A 325 28.93 3.04 0.17
C LYS A 325 29.40 2.63 1.56
N TYR A 326 28.54 2.74 2.57
CA TYR A 326 28.93 2.47 3.95
C TYR A 326 28.04 1.45 4.64
N LEU A 327 27.02 0.91 3.97
CA LEU A 327 26.09 0.00 4.62
C LEU A 327 25.98 -1.31 3.85
N PRO A 328 25.68 -2.41 4.54
CA PRO A 328 25.47 -3.69 3.86
C PRO A 328 24.35 -3.60 2.84
N ILE A 329 24.69 -3.87 1.58
CA ILE A 329 23.77 -3.73 0.46
C ILE A 329 22.67 -4.79 0.53
N ASP A 330 22.73 -5.67 1.53
CA ASP A 330 21.76 -6.76 1.67
C ASP A 330 20.77 -6.51 2.80
N LYS A 331 21.01 -5.51 3.64
CA LYS A 331 20.08 -5.10 4.69
C LYS A 331 19.33 -3.83 4.31
N CYS A 332 19.31 -3.47 3.02
CA CYS A 332 18.73 -2.24 2.53
C CYS A 332 17.64 -2.53 1.50
N SER A 333 16.54 -1.79 1.57
CA SER A 333 15.48 -1.89 0.58
C SER A 333 14.92 -0.52 0.23
N ARG A 334 14.73 -0.28 -1.07
CA ARG A 334 14.09 0.94 -1.57
C ARG A 334 12.62 0.62 -1.86
N ILE A 335 11.72 1.22 -1.07
CA ILE A 335 10.29 1.01 -1.26
C ILE A 335 9.79 1.99 -2.32
N ILE A 336 9.06 1.49 -3.31
CA ILE A 336 8.54 2.33 -4.37
C ILE A 336 7.01 2.25 -4.38
N PRO A 337 6.32 3.34 -4.70
CA PRO A 337 4.86 3.27 -4.82
C PRO A 337 4.45 2.53 -6.07
N ALA A 338 3.42 1.69 -5.95
CA ALA A 338 2.96 0.94 -7.11
C ALA A 338 2.62 1.88 -8.26
N ARG A 339 2.25 3.12 -7.95
CA ARG A 339 2.05 4.17 -8.95
C ARG A 339 3.40 4.87 -9.13
N ALA A 340 4.15 4.44 -10.14
CA ALA A 340 5.57 4.79 -10.28
C ALA A 340 5.76 5.82 -11.38
N ARG A 341 6.16 7.03 -11.00
CA ARG A 341 6.28 8.15 -11.93
C ARG A 341 7.75 8.35 -12.32
N VAL A 342 8.57 8.77 -11.37
CA VAL A 342 9.99 8.96 -11.62
C VAL A 342 10.73 7.65 -11.38
N GLU A 343 11.89 7.51 -12.01
CA GLU A 343 12.79 6.41 -11.74
C GLU A 343 13.40 6.57 -10.35
N CYS A 344 13.30 5.51 -9.54
CA CYS A 344 13.92 5.53 -8.21
C CYS A 344 15.27 4.82 -8.25
N PHE A 345 15.77 4.45 -7.08
CA PHE A 345 17.09 3.84 -6.95
C PHE A 345 16.99 2.36 -7.30
N ASP A 346 17.80 1.91 -8.27
CA ASP A 346 17.76 0.52 -8.72
C ASP A 346 19.03 -0.24 -8.37
N LYS A 347 19.37 -0.28 -7.08
CA LYS A 347 20.55 -1.00 -6.63
C LYS A 347 20.32 -1.68 -5.28
N PHE A 348 19.14 -1.53 -4.70
CA PHE A 348 18.73 -2.17 -3.46
C PHE A 348 17.53 -3.07 -3.75
N LYS A 349 17.19 -3.92 -2.79
CA LYS A 349 15.98 -4.72 -2.93
C LYS A 349 14.78 -3.79 -2.95
N VAL A 350 13.86 -4.03 -3.89
CA VAL A 350 12.70 -3.16 -4.07
C VAL A 350 11.52 -3.74 -3.31
N ASN A 351 10.87 -2.90 -2.49
CA ASN A 351 9.65 -3.27 -1.76
C ASN A 351 9.88 -4.45 -0.82
N SER A 352 10.90 -4.32 0.04
CA SER A 352 11.19 -5.32 1.07
C SER A 352 11.19 -4.62 2.43
N THR A 353 10.01 -4.48 3.01
CA THR A 353 9.87 -3.77 4.28
C THR A 353 10.61 -4.46 5.41
N LEU A 354 11.00 -5.72 5.23
CA LEU A 354 11.62 -6.51 6.28
C LEU A 354 13.08 -6.17 6.52
N GLU A 355 13.69 -5.38 5.65
CA GLU A 355 15.12 -5.10 5.77
C GLU A 355 15.39 -4.14 6.93
N GLN A 356 16.63 -4.21 7.43
CA GLN A 356 17.03 -3.34 8.53
C GLN A 356 17.10 -1.89 8.11
N TYR A 357 17.32 -1.62 6.83
CA TYR A 357 17.46 -0.29 6.28
C TYR A 357 16.39 -0.11 5.21
N VAL A 358 15.40 0.74 5.49
CA VAL A 358 14.29 0.99 4.58
C VAL A 358 14.36 2.45 4.14
N PHE A 359 14.39 2.66 2.83
CA PHE A 359 14.41 3.98 2.21
C PHE A 359 13.06 4.16 1.53
N CYS A 360 12.25 5.08 2.05
CA CYS A 360 10.89 5.25 1.51
C CYS A 360 10.42 6.69 1.63
N THR A 361 9.76 7.18 0.58
CA THR A 361 9.11 8.47 0.63
C THR A 361 7.95 8.43 1.61
N VAL A 362 7.58 9.61 2.13
CA VAL A 362 6.55 9.66 3.17
C VAL A 362 5.24 9.07 2.69
N ASN A 363 4.82 9.38 1.46
CA ASN A 363 3.52 8.93 0.99
C ASN A 363 3.44 7.42 0.83
N ALA A 364 4.58 6.75 0.65
CA ALA A 364 4.62 5.31 0.47
C ALA A 364 5.04 4.59 1.74
N LEU A 365 5.05 5.29 2.87
CA LEU A 365 5.51 4.68 4.11
C LEU A 365 4.61 3.52 4.48
N PRO A 366 5.16 2.40 4.92
CA PRO A 366 4.34 1.31 5.44
C PRO A 366 4.05 1.56 6.92
N GLU A 367 3.09 0.81 7.44
CA GLU A 367 2.77 0.88 8.86
C GLU A 367 3.70 -0.09 9.55
N THR A 368 4.75 0.44 10.18
CA THR A 368 5.78 -0.43 10.74
C THR A 368 6.35 0.20 12.01
N THR A 369 7.46 -0.36 12.47
CA THR A 369 8.15 0.05 13.67
C THR A 369 9.64 0.16 13.37
N ALA A 370 10.35 0.93 14.17
CA ALA A 370 11.79 1.04 14.01
C ALA A 370 12.40 1.63 15.26
N ASP A 371 13.73 1.56 15.32
CA ASP A 371 14.50 2.09 16.45
C ASP A 371 14.80 3.57 16.26
N ILE A 372 15.19 3.96 15.05
CA ILE A 372 15.46 5.34 14.70
C ILE A 372 14.80 5.62 13.36
N VAL A 373 14.05 6.72 13.27
CA VAL A 373 13.50 7.21 12.02
C VAL A 373 14.24 8.49 11.67
N VAL A 374 14.74 8.57 10.44
CA VAL A 374 15.44 9.75 9.94
C VAL A 374 14.58 10.39 8.86
N PHE A 375 14.11 11.61 9.11
CA PHE A 375 13.35 12.40 8.15
C PHE A 375 14.26 13.52 7.68
N ASP A 376 14.64 13.49 6.40
CA ASP A 376 15.55 14.48 5.84
C ASP A 376 14.76 15.49 5.00
N GLU A 377 15.46 16.57 4.60
CA GLU A 377 14.85 17.63 3.78
C GLU A 377 13.60 18.18 4.47
N ILE A 378 13.72 18.43 5.78
CA ILE A 378 12.58 18.82 6.60
C ILE A 378 12.03 20.18 6.23
N SER A 379 12.81 21.05 5.57
CA SER A 379 12.26 22.32 5.13
C SER A 379 11.14 22.11 4.12
N MET A 380 11.21 21.03 3.35
CA MET A 380 10.25 20.72 2.30
C MET A 380 9.04 19.96 2.83
N ALA A 381 8.92 19.81 4.14
CA ALA A 381 7.87 19.03 4.74
C ALA A 381 6.72 19.93 5.17
N THR A 382 5.51 19.41 5.06
CA THR A 382 4.32 20.07 5.57
C THR A 382 3.90 19.40 6.87
N ASN A 383 3.10 20.10 7.66
CA ASN A 383 2.61 19.50 8.89
C ASN A 383 1.80 18.24 8.61
N TYR A 384 1.23 18.13 7.41
CA TYR A 384 0.54 16.92 7.02
C TYR A 384 1.53 15.76 6.95
N ASP A 385 2.64 15.98 6.22
CA ASP A 385 3.70 14.97 6.13
C ASP A 385 4.20 14.55 7.51
N LEU A 386 4.40 15.52 8.40
CA LEU A 386 4.94 15.21 9.72
C LEU A 386 3.99 14.29 10.48
N SER A 387 2.69 14.52 10.35
CA SER A 387 1.71 13.70 11.05
C SER A 387 1.70 12.30 10.47
N VAL A 388 1.65 12.19 9.14
CA VAL A 388 1.65 10.88 8.48
C VAL A 388 2.79 10.02 9.00
N VAL A 389 3.95 10.63 9.24
CA VAL A 389 5.12 9.88 9.67
C VAL A 389 4.94 9.41 11.11
N ASN A 390 4.58 10.33 12.01
CA ASN A 390 4.37 9.97 13.41
C ASN A 390 3.28 8.93 13.57
N ALA A 391 2.53 8.63 12.51
CA ALA A 391 1.48 7.62 12.53
C ALA A 391 2.06 6.31 12.00
N ARG A 392 2.24 6.21 10.69
CA ARG A 392 2.66 4.96 10.06
C ARG A 392 3.93 4.38 10.67
N LEU A 393 4.73 5.19 11.38
CA LEU A 393 6.02 4.74 11.89
C LEU A 393 6.12 4.99 13.39
N ARG A 394 6.01 3.93 14.18
CA ARG A 394 6.18 4.02 15.62
C ARG A 394 7.63 3.67 15.93
N ALA A 395 8.34 4.55 16.64
CA ALA A 395 9.76 4.34 16.83
C ALA A 395 10.26 4.92 18.15
N LYS A 396 11.48 4.53 18.51
CA LYS A 396 12.08 4.96 19.77
C LYS A 396 12.69 6.35 19.64
N HIS A 397 13.23 6.68 18.47
CA HIS A 397 13.92 7.93 18.22
C HIS A 397 13.63 8.40 16.80
N TYR A 398 13.21 9.66 16.68
CA TYR A 398 12.98 10.29 15.38
C TYR A 398 14.01 11.39 15.20
N VAL A 399 14.69 11.39 14.06
CA VAL A 399 15.70 12.40 13.76
C VAL A 399 15.23 13.22 12.56
N TYR A 400 15.15 14.54 12.75
CA TYR A 400 14.71 15.48 11.73
C TYR A 400 15.92 16.28 11.24
N ILE A 401 16.30 16.09 9.98
CA ILE A 401 17.47 16.74 9.40
C ILE A 401 16.99 17.70 8.32
N GLY A 402 17.48 18.93 8.36
CA GLY A 402 17.19 19.86 7.29
C GLY A 402 17.85 21.20 7.51
N ASP A 403 17.27 22.22 6.88
CA ASP A 403 17.77 23.59 6.98
C ASP A 403 16.64 24.56 6.71
N PRO A 404 16.21 25.35 7.71
CA PRO A 404 15.15 26.33 7.46
C PRO A 404 15.59 27.49 6.58
N ALA A 405 16.88 27.56 6.23
CA ALA A 405 17.39 28.62 5.36
C ALA A 405 17.32 28.21 3.89
N GLN A 406 16.76 27.03 3.62
CA GLN A 406 16.57 26.51 2.27
C GLN A 406 15.08 26.60 1.92
N LEU A 407 14.70 25.99 0.80
CA LEU A 407 13.36 26.21 0.27
C LEU A 407 12.28 25.36 0.94
N PRO A 408 11.08 25.90 1.08
CA PRO A 408 9.95 25.15 1.62
C PRO A 408 9.16 24.47 0.49
N ALA A 409 8.19 23.65 0.91
CA ALA A 409 7.29 23.04 -0.06
C ALA A 409 6.35 24.10 -0.64
N PRO A 410 6.12 24.06 -1.95
CA PRO A 410 5.23 25.07 -2.56
C PRO A 410 3.83 25.01 -1.97
N ARG A 411 3.31 26.18 -1.62
CA ARG A 411 1.93 26.32 -1.15
C ARG A 411 1.16 26.99 -2.29
N THR A 412 0.59 26.16 -3.16
CA THR A 412 -0.04 26.65 -4.39
C THR A 412 -1.24 27.54 -4.18
N LEU A 413 -1.82 27.59 -2.98
CA LEU A 413 -2.91 28.52 -2.75
C LEU A 413 -2.44 29.87 -2.23
N LEU A 414 -1.23 29.94 -1.67
CA LEU A 414 -0.70 31.16 -1.09
C LEU A 414 -0.29 32.14 -2.19
N THR A 415 -0.99 33.27 -2.28
CA THR A 415 -0.71 34.30 -3.28
C THR A 415 -0.40 35.66 -2.68
N LYS A 416 -0.83 35.93 -1.44
CA LYS A 416 -0.66 37.23 -0.81
C LYS A 416 0.22 37.01 0.42
N GLY A 417 1.41 37.60 0.40
CA GLY A 417 2.34 37.53 1.51
C GLY A 417 3.42 36.49 1.27
N THR A 418 4.41 36.50 2.16
CA THR A 418 5.54 35.58 2.08
C THR A 418 5.59 34.74 3.35
N LEU A 419 5.76 33.43 3.18
CA LEU A 419 5.89 32.52 4.31
C LEU A 419 7.33 32.52 4.80
N GLU A 420 7.54 32.93 6.04
CA GLU A 420 8.87 32.93 6.61
C GLU A 420 9.27 31.55 7.12
N PRO A 421 10.56 31.27 7.23
CA PRO A 421 11.02 29.93 7.64
C PRO A 421 10.43 29.42 8.94
N GLU A 422 10.17 30.30 9.92
CA GLU A 422 9.65 29.82 11.19
C GLU A 422 8.23 29.27 11.06
N TYR A 423 7.61 29.39 9.90
CA TYR A 423 6.24 28.97 9.68
C TYR A 423 6.16 27.84 8.66
N PHE A 424 7.31 27.31 8.25
CA PHE A 424 7.34 26.24 7.26
C PHE A 424 6.65 24.99 7.81
N ASN A 425 7.00 24.60 9.02
CA ASN A 425 6.42 23.44 9.71
C ASN A 425 6.82 23.54 11.18
N SER A 426 6.43 22.52 11.95
CA SER A 426 6.69 22.55 13.39
C SER A 426 8.17 22.42 13.71
N VAL A 427 8.91 21.64 12.92
CA VAL A 427 10.34 21.47 13.16
C VAL A 427 11.08 22.76 12.84
N CYS A 428 10.76 23.39 11.70
CA CYS A 428 11.42 24.63 11.33
C CYS A 428 11.10 25.75 12.32
N ARG A 429 9.88 25.75 12.87
CA ARG A 429 9.55 26.72 13.91
C ARG A 429 10.45 26.53 15.12
N LEU A 430 10.64 25.27 15.55
CA LEU A 430 11.55 25.01 16.65
C LEU A 430 12.95 25.48 16.34
N MET A 431 13.47 25.12 15.16
CA MET A 431 14.83 25.50 14.79
C MET A 431 15.03 27.00 14.75
N LYS A 432 13.95 27.76 14.55
CA LYS A 432 14.04 29.21 14.42
C LYS A 432 13.69 29.94 15.71
N THR A 433 13.10 29.24 16.67
CA THR A 433 12.68 29.82 17.94
C THR A 433 13.64 29.41 19.05
N ILE A 434 13.62 28.13 19.43
CA ILE A 434 14.45 27.68 20.54
C ILE A 434 15.84 27.31 20.06
N GLY A 435 15.99 26.98 18.79
CA GLY A 435 17.25 26.57 18.21
C GLY A 435 17.22 25.10 17.85
N PRO A 436 18.12 24.70 16.96
CA PRO A 436 18.25 23.27 16.66
C PRO A 436 19.06 22.56 17.74
N ASP A 437 18.90 21.24 17.77
CA ASP A 437 19.64 20.45 18.75
C ASP A 437 21.10 20.31 18.33
N MET A 438 21.35 20.21 17.01
CA MET A 438 22.67 20.06 16.46
C MET A 438 22.78 20.97 15.24
N PHE A 439 23.99 21.51 15.02
CA PHE A 439 24.25 22.42 13.90
C PHE A 439 25.58 22.08 13.27
N LEU A 440 25.55 21.61 12.02
CA LEU A 440 26.77 21.37 11.25
C LEU A 440 27.28 22.70 10.72
N GLY A 441 28.42 23.16 11.22
CA GLY A 441 28.92 24.48 10.93
C GLY A 441 30.05 24.64 9.92
N THR A 442 30.46 23.57 9.23
CA THR A 442 31.59 23.66 8.30
C THR A 442 31.14 23.20 6.92
N CYS A 443 31.08 24.13 5.97
CA CYS A 443 30.76 23.80 4.60
C CYS A 443 32.02 23.28 3.91
N ARG A 444 31.93 22.09 3.33
CA ARG A 444 33.07 21.47 2.68
C ARG A 444 32.95 21.44 1.16
N ARG A 445 31.82 21.91 0.61
CA ARG A 445 31.55 21.87 -0.82
C ARG A 445 31.89 23.18 -1.54
N CYS A 446 31.56 24.31 -0.96
CA CYS A 446 31.59 25.55 -1.71
C CYS A 446 32.87 26.35 -1.49
N PRO A 447 33.33 27.03 -2.54
CA PRO A 447 34.44 27.96 -2.39
C PRO A 447 34.11 29.01 -1.33
N ALA A 448 35.16 29.51 -0.67
CA ALA A 448 34.97 30.41 0.47
C ALA A 448 34.12 31.63 0.10
N GLU A 449 34.29 32.17 -1.11
CA GLU A 449 33.48 33.32 -1.52
C GLU A 449 31.98 33.05 -1.36
N ILE A 450 31.53 31.86 -1.75
CA ILE A 450 30.13 31.51 -1.57
C ILE A 450 29.80 31.36 -0.10
N VAL A 451 30.62 30.59 0.63
CA VAL A 451 30.35 30.33 2.04
C VAL A 451 30.25 31.66 2.81
N ASP A 452 31.23 32.54 2.62
CA ASP A 452 31.21 33.82 3.29
C ASP A 452 29.91 34.57 3.02
N THR A 453 29.44 34.56 1.76
CA THR A 453 28.23 35.32 1.44
C THR A 453 26.99 34.76 2.16
N VAL A 454 26.78 33.45 2.08
CA VAL A 454 25.59 32.87 2.70
C VAL A 454 25.67 32.93 4.22
N SER A 455 26.88 32.73 4.77
CA SER A 455 27.01 32.72 6.23
C SER A 455 26.48 34.01 6.82
N ALA A 456 26.77 35.15 6.18
CA ALA A 456 26.26 36.42 6.67
C ALA A 456 24.80 36.60 6.31
N LEU A 457 24.38 36.08 5.15
CA LEU A 457 23.03 36.36 4.66
C LEU A 457 21.96 35.65 5.50
N VAL A 458 22.18 34.38 5.84
CA VAL A 458 21.10 33.64 6.49
C VAL A 458 21.55 32.88 7.72
N TYR A 459 22.86 32.76 7.94
CA TYR A 459 23.38 31.93 9.01
C TYR A 459 24.04 32.73 10.13
N ASP A 460 23.84 34.04 10.15
CA ASP A 460 24.37 34.91 11.21
C ASP A 460 25.86 34.65 11.46
N ASN A 461 26.60 34.42 10.37
CA ASN A 461 28.05 34.28 10.40
C ASN A 461 28.52 33.06 11.16
N LYS A 462 27.67 32.05 11.31
CA LYS A 462 28.01 30.84 12.04
C LYS A 462 28.44 29.71 11.12
N LEU A 463 28.39 29.90 9.81
CA LEU A 463 28.83 28.90 8.85
C LEU A 463 30.29 29.17 8.48
N LYS A 464 31.12 28.14 8.57
CA LYS A 464 32.53 28.29 8.30
C LYS A 464 32.88 27.60 6.99
N ALA A 465 33.95 28.06 6.37
CA ALA A 465 34.41 27.53 5.09
C ALA A 465 35.62 26.63 5.31
N HIS A 466 35.58 25.45 4.70
CA HIS A 466 36.74 24.56 4.72
C HIS A 466 37.64 24.82 3.51
N LYS A 467 37.03 25.11 2.37
CA LYS A 467 37.77 25.37 1.16
C LYS A 467 38.29 26.80 1.16
N ASP A 468 39.30 27.02 0.33
CA ASP A 468 39.84 28.36 0.11
C ASP A 468 38.97 29.08 -0.91
N LYS A 469 39.23 30.38 -1.08
CA LYS A 469 38.56 31.11 -2.16
C LYS A 469 39.00 30.52 -3.49
N SER A 470 38.05 30.29 -4.38
CA SER A 470 38.37 29.66 -5.65
C SER A 470 38.95 30.64 -6.66
N ALA A 471 38.57 31.92 -6.54
CA ALA A 471 38.91 32.93 -7.53
C ALA A 471 38.23 32.65 -8.86
N GLN A 472 37.18 31.83 -8.83
CA GLN A 472 36.36 31.50 -9.98
C GLN A 472 34.90 31.80 -9.71
N CYS A 473 34.63 32.77 -8.82
CA CYS A 473 33.28 33.19 -8.44
C CYS A 473 33.11 34.63 -8.91
N PHE A 474 32.29 34.84 -9.95
CA PHE A 474 32.17 36.15 -10.55
C PHE A 474 30.71 36.63 -10.48
N LYS A 475 30.55 37.95 -10.52
CA LYS A 475 29.23 38.55 -10.48
C LYS A 475 29.16 39.69 -11.49
N MET A 476 27.95 39.96 -11.98
CA MET A 476 27.71 41.04 -12.91
C MET A 476 26.29 41.56 -12.74
N PHE A 477 26.16 42.88 -12.66
CA PHE A 477 24.86 43.54 -12.53
C PHE A 477 24.42 43.98 -13.92
N TYR A 478 23.35 43.35 -14.43
CA TYR A 478 22.85 43.64 -15.78
C TYR A 478 21.34 43.37 -15.77
N LYS A 479 20.54 44.44 -15.69
CA LYS A 479 19.09 44.26 -15.59
C LYS A 479 18.50 43.62 -16.84
N GLY A 480 19.01 43.98 -18.02
CA GLY A 480 18.53 43.37 -19.25
C GLY A 480 17.12 43.80 -19.61
N VAL A 481 16.36 42.87 -20.18
CA VAL A 481 14.99 43.09 -20.60
C VAL A 481 14.16 41.89 -20.19
N ILE A 482 13.02 42.14 -19.52
CA ILE A 482 12.20 41.06 -19.00
C ILE A 482 10.96 40.88 -19.86
N THR A 483 10.83 39.69 -20.42
CA THR A 483 9.67 39.28 -21.20
C THR A 483 8.99 38.18 -20.40
N HIS A 484 7.73 37.90 -20.72
CA HIS A 484 6.99 36.92 -19.94
C HIS A 484 6.21 35.98 -20.84
N ASP A 485 6.36 34.69 -20.60
CA ASP A 485 5.56 33.66 -21.25
C ASP A 485 4.44 33.37 -20.25
N VAL A 486 3.31 34.07 -20.45
CA VAL A 486 2.20 34.04 -19.50
C VAL A 486 2.64 34.84 -18.29
N SER A 487 3.24 34.14 -17.32
CA SER A 487 3.81 34.76 -16.12
C SER A 487 5.23 34.33 -15.84
N SER A 488 5.70 33.22 -16.42
CA SER A 488 7.09 32.82 -16.26
C SER A 488 7.98 33.83 -16.95
N ALA A 489 9.01 34.29 -16.25
CA ALA A 489 9.85 35.37 -16.76
C ALA A 489 11.00 34.86 -17.62
N ILE A 490 11.45 35.72 -18.52
CA ILE A 490 12.57 35.46 -19.42
C ILE A 490 13.39 36.74 -19.53
N ASN A 491 14.72 36.61 -19.55
CA ASN A 491 15.61 37.74 -19.78
C ASN A 491 16.64 37.33 -20.83
N ARG A 492 16.27 37.52 -22.10
CA ARG A 492 17.18 37.18 -23.19
C ARG A 492 18.51 37.91 -23.08
N PRO A 493 18.56 39.22 -22.87
CA PRO A 493 19.87 39.89 -22.72
C PRO A 493 20.78 39.26 -21.68
N GLN A 494 20.22 38.72 -20.59
CA GLN A 494 21.08 38.07 -19.60
C GLN A 494 21.66 36.77 -20.15
N ILE A 495 20.90 36.06 -20.98
CA ILE A 495 21.44 34.88 -21.66
C ILE A 495 22.54 35.31 -22.61
N GLY A 496 22.35 36.43 -23.29
CA GLY A 496 23.36 36.88 -24.24
C GLY A 496 24.67 37.16 -23.56
N VAL A 497 24.62 37.80 -22.39
CA VAL A 497 25.83 38.06 -21.62
C VAL A 497 26.52 36.76 -21.26
N VAL A 498 25.75 35.73 -20.94
CA VAL A 498 26.34 34.43 -20.61
C VAL A 498 27.04 33.86 -21.83
N ARG A 499 26.38 33.97 -22.99
CA ARG A 499 26.99 33.51 -24.23
C ARG A 499 28.35 34.18 -24.45
N GLU A 500 28.41 35.50 -24.27
CA GLU A 500 29.67 36.21 -24.45
C GLU A 500 30.72 35.72 -23.45
N PHE A 501 30.27 35.25 -22.28
CA PHE A 501 31.18 34.79 -21.24
C PHE A 501 31.72 33.40 -21.58
N LEU A 502 30.85 32.52 -22.08
CA LEU A 502 31.27 31.17 -22.40
C LEU A 502 32.32 31.16 -23.51
N THR A 503 32.21 32.07 -24.47
CA THR A 503 33.17 32.13 -25.56
C THR A 503 34.57 32.44 -25.07
N ARG A 504 34.68 33.08 -23.91
CA ARG A 504 35.96 33.50 -23.37
C ARG A 504 36.38 32.71 -22.15
N ASN A 505 35.50 31.85 -21.64
CA ASN A 505 35.80 30.99 -20.48
C ASN A 505 35.46 29.55 -20.84
N PRO A 506 36.33 28.88 -21.59
CA PRO A 506 35.98 27.53 -22.09
C PRO A 506 35.70 26.53 -20.98
N ALA A 507 36.40 26.64 -19.84
CA ALA A 507 36.23 25.67 -18.77
C ALA A 507 34.82 25.65 -18.22
N TRP A 508 33.96 26.56 -18.68
CA TRP A 508 32.60 26.71 -18.19
C TRP A 508 31.58 26.07 -19.12
N ARG A 509 32.03 25.47 -20.22
CA ARG A 509 31.11 24.86 -21.17
C ARG A 509 30.36 23.72 -20.51
N LYS A 510 30.87 23.23 -19.38
CA LYS A 510 30.30 22.15 -18.58
C LYS A 510 29.40 22.67 -17.46
N ALA A 511 29.18 23.98 -17.40
CA ALA A 511 28.42 24.56 -16.31
C ALA A 511 26.94 24.20 -16.42
N VAL A 512 26.28 24.17 -15.27
CA VAL A 512 24.84 23.98 -15.22
C VAL A 512 24.19 25.36 -15.15
N PHE A 513 23.24 25.62 -16.05
CA PHE A 513 22.49 26.86 -16.01
C PHE A 513 21.37 26.75 -14.99
N ILE A 514 21.29 27.71 -14.07
CA ILE A 514 20.26 27.71 -13.03
C ILE A 514 19.60 29.09 -12.99
N SER A 515 18.28 29.09 -12.91
CA SER A 515 17.49 30.32 -12.85
C SER A 515 16.26 30.07 -12.00
N PRO A 516 15.59 31.12 -11.53
CA PRO A 516 14.35 30.94 -10.77
C PRO A 516 13.14 30.69 -11.65
N TYR A 517 13.30 30.67 -12.98
CA TYR A 517 12.17 30.57 -13.89
C TYR A 517 12.35 29.46 -14.94
N ASN A 518 11.33 28.60 -15.07
CA ASN A 518 11.35 27.52 -16.06
C ASN A 518 11.52 28.05 -17.47
N SER A 519 10.78 29.11 -17.81
CA SER A 519 10.84 29.66 -19.17
C SER A 519 12.24 30.15 -19.50
N GLN A 520 12.89 30.88 -18.58
CA GLN A 520 14.26 31.30 -18.83
C GLN A 520 15.12 30.07 -19.09
N ASN A 521 14.94 29.02 -18.30
CA ASN A 521 15.78 27.84 -18.48
C ASN A 521 15.56 27.26 -19.87
N ALA A 522 14.32 27.28 -20.36
CA ALA A 522 14.03 26.75 -21.69
C ALA A 522 14.76 27.55 -22.75
N VAL A 523 14.74 28.89 -22.63
CA VAL A 523 15.43 29.73 -23.60
C VAL A 523 16.94 29.53 -23.50
N ALA A 524 17.45 29.26 -22.29
CA ALA A 524 18.88 29.09 -22.11
C ALA A 524 19.36 27.76 -22.69
N SER A 525 18.55 26.72 -22.54
CA SER A 525 18.87 25.43 -23.15
C SER A 525 19.10 25.58 -24.65
N LYS A 526 18.21 26.30 -25.32
CA LYS A 526 18.29 26.43 -26.77
C LYS A 526 19.47 27.30 -27.21
N ILE A 527 19.70 28.42 -26.52
CA ILE A 527 20.74 29.35 -26.98
C ILE A 527 22.13 28.87 -26.57
N LEU A 528 22.26 28.38 -25.34
CA LEU A 528 23.57 28.03 -24.78
C LEU A 528 23.90 26.56 -24.90
N GLY A 529 22.90 25.69 -24.73
CA GLY A 529 23.11 24.26 -24.85
C GLY A 529 23.48 23.61 -23.54
N LEU A 530 23.53 24.36 -22.45
CA LEU A 530 23.96 23.82 -21.18
C LEU A 530 22.81 23.09 -20.50
N PRO A 531 23.10 22.11 -19.65
CA PRO A 531 22.04 21.53 -18.84
C PRO A 531 21.44 22.62 -17.97
N THR A 532 20.15 22.51 -17.70
CA THR A 532 19.43 23.57 -17.00
C THR A 532 18.71 22.99 -15.79
N GLN A 533 18.48 23.86 -14.81
CA GLN A 533 17.80 23.49 -13.59
C GLN A 533 17.20 24.72 -12.94
N THR A 534 15.99 24.58 -12.40
CA THR A 534 15.45 25.65 -11.57
C THR A 534 16.13 25.54 -10.22
N VAL A 535 16.19 26.68 -9.51
CA VAL A 535 16.78 26.67 -8.18
C VAL A 535 16.07 25.65 -7.31
N ASP A 536 14.74 25.73 -7.26
CA ASP A 536 13.98 24.84 -6.39
C ASP A 536 14.26 23.37 -6.72
N SER A 537 14.49 23.03 -7.99
CA SER A 537 14.81 21.65 -8.34
C SER A 537 16.28 21.33 -8.16
N SER A 538 17.14 22.33 -8.00
CA SER A 538 18.55 22.10 -7.81
C SER A 538 18.87 21.73 -6.37
N GLN A 539 17.90 21.86 -5.47
CA GLN A 539 18.15 21.68 -4.05
C GLN A 539 18.59 20.25 -3.78
N GLY A 540 19.70 20.12 -3.06
CA GLY A 540 20.27 18.84 -2.73
C GLY A 540 21.24 18.32 -3.77
N SER A 541 21.42 19.04 -4.88
CA SER A 541 22.32 18.68 -5.96
C SER A 541 23.53 19.58 -5.93
N GLU A 542 24.66 19.08 -6.43
CA GLU A 542 25.90 19.83 -6.42
C GLU A 542 26.56 19.76 -7.79
N TYR A 543 27.27 20.82 -8.15
CA TYR A 543 27.86 20.91 -9.48
C TYR A 543 29.15 21.72 -9.40
N ASP A 544 30.08 21.40 -10.30
CA ASP A 544 31.36 22.07 -10.31
C ASP A 544 31.19 23.55 -10.66
N TYR A 545 30.57 23.82 -11.80
CA TYR A 545 30.36 25.17 -12.29
C TYR A 545 28.88 25.43 -12.43
N VAL A 546 28.44 26.60 -11.96
CA VAL A 546 27.03 27.01 -12.00
C VAL A 546 26.96 28.39 -12.62
N ILE A 547 25.98 28.59 -13.51
CA ILE A 547 25.72 29.90 -14.10
C ILE A 547 24.30 30.29 -13.71
N PHE A 548 24.15 31.45 -13.07
CA PHE A 548 22.86 31.86 -12.53
C PHE A 548 22.48 33.23 -13.07
N THR A 549 21.25 33.34 -13.58
CA THR A 549 20.68 34.59 -14.03
C THR A 549 19.44 34.85 -13.18
N GLN A 550 19.44 35.97 -12.44
CA GLN A 550 18.31 36.25 -11.56
C GLN A 550 17.04 36.46 -12.36
N THR A 551 17.18 36.90 -13.62
CA THR A 551 16.07 37.06 -14.56
C THR A 551 15.20 38.26 -14.25
N THR A 552 14.75 38.41 -13.00
CA THR A 552 13.87 39.51 -12.63
C THR A 552 14.23 40.01 -11.24
N GLU A 553 13.60 41.12 -10.87
CA GLU A 553 13.69 41.69 -9.52
C GLU A 553 12.31 41.55 -8.88
N THR A 554 11.98 40.33 -8.45
CA THR A 554 10.70 40.04 -7.82
C THR A 554 10.94 39.42 -6.45
N ALA A 555 9.86 39.27 -5.68
CA ALA A 555 9.97 38.63 -4.39
C ALA A 555 10.44 37.18 -4.55
N HIS A 556 9.98 36.52 -5.62
CA HIS A 556 10.45 35.17 -5.91
C HIS A 556 11.95 35.16 -6.25
N SER A 557 12.40 36.11 -7.08
CA SER A 557 13.80 36.13 -7.51
C SER A 557 14.75 36.61 -6.43
N CYS A 558 14.26 37.38 -5.45
CA CYS A 558 15.09 37.95 -4.41
C CYS A 558 14.95 37.24 -3.06
N ASN A 559 14.12 36.21 -2.97
CA ASN A 559 13.99 35.44 -1.73
C ASN A 559 15.36 34.96 -1.25
N VAL A 560 15.67 35.18 0.03
CA VAL A 560 17.03 34.88 0.49
C VAL A 560 17.26 33.38 0.56
N ASN A 561 16.23 32.59 0.88
CA ASN A 561 16.41 31.14 0.90
C ASN A 561 16.70 30.63 -0.50
N ARG A 562 15.94 31.10 -1.49
CA ARG A 562 16.17 30.70 -2.88
C ARG A 562 17.55 31.13 -3.36
N PHE A 563 17.96 32.37 -3.08
CA PHE A 563 19.30 32.78 -3.46
C PHE A 563 20.37 31.94 -2.77
N ASN A 564 20.13 31.58 -1.51
CA ASN A 564 21.08 30.76 -0.76
C ASN A 564 21.28 29.41 -1.45
N VAL A 565 20.18 28.70 -1.71
CA VAL A 565 20.25 27.40 -2.38
C VAL A 565 20.99 27.53 -3.72
N ALA A 566 20.56 28.47 -4.56
CA ALA A 566 21.13 28.68 -5.89
C ALA A 566 22.66 28.74 -5.89
N ILE A 567 23.24 29.63 -5.09
CA ILE A 567 24.68 29.85 -5.13
C ILE A 567 25.45 28.76 -4.39
N THR A 568 24.82 28.08 -3.44
CA THR A 568 25.47 27.03 -2.66
C THR A 568 25.48 25.70 -3.40
N ARG A 569 25.22 25.74 -4.71
CA ARG A 569 25.23 24.54 -5.53
C ARG A 569 26.61 24.31 -6.15
N ALA A 570 27.45 25.34 -6.20
CA ALA A 570 28.71 25.30 -6.91
C ALA A 570 29.83 24.78 -6.01
N LYS A 571 30.67 23.93 -6.58
CA LYS A 571 31.81 23.36 -5.90
C LYS A 571 33.11 24.05 -6.27
N VAL A 572 33.18 24.60 -7.49
CA VAL A 572 34.41 25.21 -8.00
C VAL A 572 34.16 26.68 -8.33
N GLY A 573 33.21 26.96 -9.21
CA GLY A 573 32.99 28.32 -9.65
C GLY A 573 31.52 28.62 -9.90
N ILE A 574 31.20 29.91 -9.86
CA ILE A 574 29.85 30.37 -10.13
C ILE A 574 29.94 31.73 -10.81
N LEU A 575 29.00 31.98 -11.72
CA LEU A 575 28.80 33.26 -12.37
C LEU A 575 27.38 33.70 -12.09
N CYS A 576 27.22 34.86 -11.46
CA CYS A 576 25.89 35.35 -11.12
C CYS A 576 25.59 36.62 -11.89
N ILE A 577 24.63 36.53 -12.82
CA ILE A 577 24.14 37.70 -13.54
C ILE A 577 22.99 38.23 -12.70
N MET A 578 23.20 39.37 -12.07
CA MET A 578 22.29 39.91 -11.07
C MET A 578 21.35 40.98 -11.62
N SER A 579 20.14 40.97 -11.08
CA SER A 579 19.15 41.99 -11.39
C SER A 579 18.81 42.86 -10.18
N ASP A 580 19.21 42.47 -8.97
CA ASP A 580 18.90 43.17 -7.72
C ASP A 580 20.15 43.78 -7.11
N ARG A 581 20.13 45.09 -6.85
CA ARG A 581 21.34 45.76 -6.35
C ARG A 581 21.78 45.21 -5.00
N ASP A 582 20.83 44.97 -4.09
CA ASP A 582 21.18 44.50 -2.76
C ASP A 582 21.89 43.15 -2.80
N LEU A 583 21.23 42.15 -3.40
CA LEU A 583 21.86 40.83 -3.44
C LEU A 583 23.17 40.87 -4.21
N TYR A 584 23.25 41.71 -5.25
CA TYR A 584 24.50 41.84 -6.00
C TYR A 584 25.62 42.38 -5.10
N ASP A 585 25.36 43.42 -4.33
CA ASP A 585 26.42 43.99 -3.51
C ASP A 585 26.88 42.98 -2.45
N LYS A 586 25.96 42.17 -1.96
CA LYS A 586 26.29 41.22 -0.91
C LYS A 586 27.15 40.08 -1.43
N LEU A 587 27.19 39.85 -2.74
CA LEU A 587 27.99 38.78 -3.30
C LEU A 587 29.46 39.14 -3.21
N GLN A 588 30.20 38.41 -2.38
CA GLN A 588 31.63 38.62 -2.20
C GLN A 588 32.40 37.95 -3.34
N PHE A 589 32.07 38.37 -4.56
CA PHE A 589 32.66 37.83 -5.77
C PHE A 589 33.38 38.93 -6.52
N THR A 590 34.22 38.51 -7.46
CA THR A 590 34.88 39.47 -8.34
C THR A 590 33.88 39.95 -9.38
N SER A 591 33.79 41.26 -9.57
CA SER A 591 32.88 41.84 -10.55
C SER A 591 33.45 41.76 -11.96
N LEU A 592 32.61 41.33 -12.90
CA LEU A 592 33.00 41.29 -14.30
C LEU A 592 32.33 42.46 -15.02
N GLU A 593 32.92 42.88 -16.13
CA GLU A 593 32.41 44.02 -16.88
C GLU A 593 32.18 43.63 -18.33
N ILE A 594 31.09 44.13 -18.89
CA ILE A 594 30.76 43.89 -20.29
C ILE A 594 29.46 44.61 -20.64
N VAL B 4 17.39 -9.82 17.90
CA VAL B 4 16.87 -10.45 19.11
C VAL B 4 15.36 -10.62 18.99
N GLY B 5 14.82 -11.68 19.58
CA GLY B 5 13.41 -11.94 19.49
C GLY B 5 13.01 -13.15 20.32
N ALA B 6 11.91 -13.78 19.93
CA ALA B 6 11.34 -14.89 20.68
C ALA B 6 11.38 -16.18 19.87
N CYS B 7 11.65 -17.29 20.55
CA CYS B 7 11.77 -18.58 19.88
C CYS B 7 10.38 -19.05 19.45
N VAL B 8 10.28 -19.57 18.23
CA VAL B 8 8.99 -20.00 17.69
C VAL B 8 8.51 -21.32 18.26
N LEU B 9 9.27 -21.95 19.15
CA LEU B 9 8.90 -23.26 19.69
C LEU B 9 8.57 -23.22 21.16
N CYS B 10 9.15 -22.29 21.90
CA CYS B 10 8.96 -22.19 23.35
C CYS B 10 8.80 -20.74 23.78
N ASN B 11 8.90 -19.79 22.85
CA ASN B 11 8.74 -18.36 23.09
C ASN B 11 9.90 -17.77 23.89
N SER B 12 10.73 -18.61 24.50
CA SER B 12 11.89 -18.11 25.22
C SER B 12 12.68 -17.16 24.35
N GLN B 13 13.20 -16.10 24.96
CA GLN B 13 13.89 -15.05 24.22
C GLN B 13 15.20 -15.59 23.66
N THR B 14 15.66 -15.00 22.55
CA THR B 14 16.84 -15.50 21.88
C THR B 14 17.46 -14.42 21.01
N SER B 15 18.74 -14.62 20.70
CA SER B 15 19.47 -13.76 19.77
C SER B 15 19.91 -14.54 18.54
N LEU B 16 19.28 -15.68 18.27
CA LEU B 16 19.68 -16.58 17.21
C LEU B 16 18.52 -16.83 16.25
N ARG B 17 18.85 -16.96 14.97
CA ARG B 17 17.91 -17.33 13.94
C ARG B 17 18.57 -18.35 13.02
N CYS B 18 17.76 -19.19 12.41
CA CYS B 18 18.28 -20.18 11.46
C CYS B 18 18.48 -19.49 10.12
N GLY B 19 19.74 -19.37 9.69
CA GLY B 19 20.02 -18.79 8.40
C GLY B 19 19.66 -19.67 7.22
N ALA B 20 19.27 -20.92 7.48
CA ALA B 20 18.95 -21.88 6.44
C ALA B 20 17.45 -22.00 6.19
N CYS B 21 16.64 -21.70 7.21
CA CYS B 21 15.20 -21.65 7.04
C CYS B 21 14.84 -20.41 6.24
N ILE B 22 13.84 -20.53 5.36
CA ILE B 22 13.54 -19.40 4.49
C ILE B 22 12.94 -18.26 5.29
N ARG B 23 12.30 -18.55 6.42
CA ARG B 23 11.64 -17.52 7.23
C ARG B 23 12.52 -17.02 8.37
N ARG B 24 13.77 -17.49 8.45
CA ARG B 24 14.73 -17.13 9.49
C ARG B 24 14.07 -17.08 10.89
N PRO B 25 13.44 -18.17 11.32
CA PRO B 25 12.78 -18.18 12.63
C PRO B 25 13.76 -17.99 13.79
N PHE B 26 13.35 -17.22 14.79
CA PHE B 26 14.15 -17.10 15.99
C PHE B 26 14.13 -18.44 16.73
N LEU B 27 15.28 -18.84 17.26
CA LEU B 27 15.39 -20.09 18.01
C LEU B 27 16.33 -19.88 19.17
N CYS B 28 15.91 -20.29 20.37
CA CYS B 28 16.80 -20.17 21.53
C CYS B 28 17.92 -21.20 21.44
N CYS B 29 18.89 -21.05 22.35
CA CYS B 29 20.05 -21.93 22.36
C CYS B 29 19.65 -23.40 22.34
N LYS B 30 18.60 -23.75 23.09
CA LYS B 30 18.21 -25.16 23.20
C LYS B 30 17.55 -25.65 21.92
N CYS B 31 16.56 -24.90 21.41
CA CYS B 31 15.84 -25.36 20.23
C CYS B 31 16.70 -25.21 18.98
N CYS B 32 17.55 -24.17 18.95
CA CYS B 32 18.44 -23.99 17.80
C CYS B 32 19.41 -25.16 17.70
N TYR B 33 19.92 -25.64 18.85
CA TYR B 33 20.80 -26.80 18.84
C TYR B 33 20.07 -28.04 18.33
N ASP B 34 18.88 -28.30 18.86
CA ASP B 34 18.14 -29.49 18.46
C ASP B 34 17.77 -29.45 16.98
N HIS B 35 17.64 -28.25 16.42
CA HIS B 35 17.34 -28.11 15.00
C HIS B 35 18.57 -28.42 14.14
N VAL B 36 19.71 -27.79 14.46
CA VAL B 36 20.91 -27.94 13.63
C VAL B 36 21.47 -29.36 13.70
N ILE B 37 21.34 -30.05 14.83
CA ILE B 37 21.98 -31.36 14.99
C ILE B 37 21.13 -32.49 14.44
N SER B 38 19.92 -32.21 13.97
CA SER B 38 19.01 -33.24 13.49
C SER B 38 18.59 -33.01 12.04
N THR B 39 19.08 -31.95 11.40
CA THR B 39 18.72 -31.61 10.04
C THR B 39 19.98 -31.15 9.32
N SER B 40 19.80 -30.67 8.09
CA SER B 40 20.89 -30.14 7.29
C SER B 40 21.11 -28.65 7.53
N HIS B 41 20.24 -28.00 8.30
CA HIS B 41 20.34 -26.57 8.57
C HIS B 41 21.45 -26.34 9.58
N LYS B 42 22.52 -25.67 9.15
CA LYS B 42 23.66 -25.42 10.02
C LYS B 42 24.05 -23.95 10.10
N LEU B 43 23.45 -23.09 9.29
CA LEU B 43 23.76 -21.67 9.32
C LEU B 43 22.93 -20.99 10.40
N VAL B 44 23.60 -20.44 11.42
CA VAL B 44 22.94 -19.77 12.53
C VAL B 44 23.27 -18.29 12.45
N LEU B 45 22.26 -17.44 12.60
CA LEU B 45 22.41 -16.01 12.46
C LEU B 45 22.18 -15.32 13.80
N SER B 46 23.04 -14.36 14.11
CA SER B 46 22.91 -13.52 15.29
C SER B 46 23.09 -12.08 14.83
N VAL B 47 23.42 -11.19 15.77
CA VAL B 47 23.74 -9.80 15.46
C VAL B 47 24.65 -9.79 14.24
N ASN B 48 25.54 -10.77 14.17
CA ASN B 48 26.37 -11.07 13.02
C ASN B 48 26.17 -12.53 12.68
N PRO B 49 26.35 -12.92 11.42
CA PRO B 49 26.27 -14.34 11.08
C PRO B 49 27.43 -15.10 11.71
N TYR B 50 27.14 -16.31 12.17
CA TYR B 50 28.18 -17.18 12.70
C TYR B 50 28.94 -17.74 11.51
N VAL B 51 30.03 -17.07 11.16
CA VAL B 51 30.90 -17.46 10.07
C VAL B 51 32.33 -17.20 10.51
N CYS B 52 33.25 -18.06 10.04
CA CYS B 52 34.66 -17.84 10.35
C CYS B 52 35.12 -16.52 9.76
N ASN B 53 35.40 -15.54 10.61
CA ASN B 53 35.81 -14.23 10.14
C ASN B 53 37.31 -14.20 9.86
N ALA B 54 37.79 -15.18 9.09
CA ALA B 54 39.20 -15.28 8.74
C ALA B 54 39.40 -15.09 7.24
N PRO B 55 40.47 -14.40 6.83
CA PRO B 55 40.67 -14.15 5.40
C PRO B 55 40.69 -15.41 4.55
N GLY B 56 39.69 -15.56 3.69
CA GLY B 56 39.64 -16.66 2.76
C GLY B 56 38.99 -17.93 3.27
N CYS B 57 38.35 -17.90 4.43
CA CYS B 57 37.65 -19.07 4.94
C CYS B 57 36.20 -19.07 4.49
N ASP B 58 35.63 -20.28 4.38
CA ASP B 58 34.27 -20.47 3.89
C ASP B 58 33.42 -21.28 4.86
N VAL B 59 33.78 -21.33 6.14
CA VAL B 59 33.09 -22.19 7.09
C VAL B 59 31.91 -21.42 7.68
N THR B 60 30.72 -22.02 7.57
CA THR B 60 29.50 -21.43 8.09
C THR B 60 28.70 -22.40 8.96
N ASP B 61 29.10 -23.67 9.03
CA ASP B 61 28.43 -24.62 9.90
C ASP B 61 28.70 -24.26 11.36
N VAL B 62 27.64 -24.18 12.16
CA VAL B 62 27.79 -23.79 13.55
C VAL B 62 28.47 -24.88 14.36
N THR B 63 28.34 -26.14 13.94
CA THR B 63 28.94 -27.24 14.68
C THR B 63 30.45 -27.20 14.63
N GLN B 64 31.03 -26.53 13.62
CA GLN B 64 32.48 -26.49 13.42
C GLN B 64 33.02 -25.09 13.66
N LEU B 65 32.39 -24.30 14.53
CA LEU B 65 32.77 -22.91 14.74
C LEU B 65 32.95 -22.63 16.23
N TYR B 66 33.80 -21.64 16.52
CA TYR B 66 34.17 -21.29 17.88
C TYR B 66 34.22 -19.78 18.04
N LEU B 67 33.88 -19.30 19.23
CA LEU B 67 33.96 -17.87 19.55
C LEU B 67 35.33 -17.54 20.15
N GLY B 68 36.04 -16.63 19.49
CA GLY B 68 37.32 -16.16 20.00
C GLY B 68 37.31 -14.64 20.15
N GLY B 69 37.43 -14.15 21.38
CA GLY B 69 37.29 -12.72 21.61
C GLY B 69 35.84 -12.34 21.41
N MET B 70 35.55 -11.57 20.37
CA MET B 70 34.18 -11.24 19.97
C MET B 70 33.92 -11.68 18.53
N SER B 71 34.88 -12.36 17.92
CA SER B 71 34.82 -12.86 16.56
C SER B 71 34.58 -14.38 16.57
N TYR B 72 34.30 -14.92 15.38
CA TYR B 72 33.97 -16.33 15.23
C TYR B 72 34.92 -16.97 14.24
N TYR B 73 35.34 -18.19 14.53
CA TYR B 73 36.31 -18.89 13.70
C TYR B 73 36.03 -20.38 13.68
N CYS B 74 36.58 -21.06 12.69
CA CYS B 74 36.49 -22.50 12.58
C CYS B 74 37.62 -23.14 13.39
N LYS B 75 37.75 -24.47 13.31
CA LYS B 75 38.81 -25.14 14.06
C LYS B 75 40.18 -24.80 13.48
N SER B 76 40.26 -24.58 12.17
CA SER B 76 41.52 -24.35 11.50
C SER B 76 42.04 -22.92 11.65
N HIS B 77 41.19 -21.99 12.10
CA HIS B 77 41.59 -20.59 12.20
C HIS B 77 41.23 -20.02 13.56
N LYS B 78 41.18 -20.87 14.59
CA LYS B 78 40.70 -20.35 15.86
C LYS B 78 41.85 -19.96 16.78
N PRO B 79 41.65 -18.95 17.62
CA PRO B 79 42.63 -18.61 18.64
C PRO B 79 42.67 -19.67 19.72
N PRO B 80 43.73 -19.71 20.53
CA PRO B 80 43.81 -20.77 21.56
C PRO B 80 42.75 -20.64 22.62
N ILE B 81 42.43 -19.41 23.05
CA ILE B 81 41.36 -19.18 24.01
C ILE B 81 40.05 -19.04 23.23
N SER B 82 39.26 -20.12 23.22
CA SER B 82 38.03 -20.14 22.45
C SER B 82 37.13 -21.22 23.01
N PHE B 83 35.83 -21.06 22.77
CA PHE B 83 34.86 -22.07 23.20
C PHE B 83 33.87 -22.35 22.09
N PRO B 84 33.49 -23.61 21.92
CA PRO B 84 32.60 -23.97 20.81
C PRO B 84 31.27 -23.24 20.89
N LEU B 85 30.76 -22.85 19.72
CA LEU B 85 29.47 -22.18 19.67
C LEU B 85 28.33 -23.15 19.87
N CYS B 86 28.50 -24.41 19.46
CA CYS B 86 27.45 -25.42 19.51
C CYS B 86 27.91 -26.59 20.38
N ALA B 87 27.50 -26.59 21.65
CA ALA B 87 27.86 -27.68 22.55
C ALA B 87 26.99 -27.64 23.80
N ASN B 88 26.96 -28.76 24.52
CA ASN B 88 26.16 -28.93 25.73
C ASN B 88 24.66 -28.82 25.46
N GLY B 89 24.25 -29.18 24.25
CA GLY B 89 22.84 -29.10 23.91
C GLY B 89 22.36 -27.69 23.69
N GLN B 90 23.26 -26.76 23.41
CA GLN B 90 22.92 -25.35 23.27
C GLN B 90 23.86 -24.71 22.25
N VAL B 91 23.31 -23.77 21.48
CA VAL B 91 24.09 -22.95 20.56
C VAL B 91 24.35 -21.64 21.28
N PHE B 92 25.56 -21.10 21.14
CA PHE B 92 25.90 -19.90 21.88
C PHE B 92 25.06 -18.71 21.42
N GLY B 93 24.45 -18.04 22.38
CA GLY B 93 23.67 -16.84 22.12
C GLY B 93 23.20 -16.27 23.44
N LEU B 94 22.49 -15.16 23.35
CA LEU B 94 22.07 -14.49 24.58
C LEU B 94 20.96 -15.28 25.27
N TYR B 95 20.63 -14.83 26.49
CA TYR B 95 19.55 -15.43 27.27
C TYR B 95 19.71 -16.93 27.41
N LYS B 96 20.96 -17.40 27.41
CA LYS B 96 21.27 -18.84 27.52
C LYS B 96 20.85 -19.42 28.85
N ASN B 97 20.25 -18.62 29.72
CA ASN B 97 19.84 -19.03 31.06
C ASN B 97 18.34 -19.14 31.22
N THR B 98 17.57 -18.40 30.42
CA THR B 98 16.12 -18.38 30.51
C THR B 98 15.47 -19.06 29.31
N CYS B 99 16.19 -20.00 28.69
CA CYS B 99 15.64 -20.77 27.58
C CYS B 99 15.07 -22.07 28.13
N VAL B 100 13.77 -22.30 27.88
CA VAL B 100 13.10 -23.46 28.42
C VAL B 100 13.37 -24.69 27.57
N GLY B 101 13.15 -24.57 26.27
CA GLY B 101 13.34 -25.67 25.35
C GLY B 101 12.02 -26.31 24.98
N SER B 102 12.13 -27.49 24.37
CA SER B 102 10.96 -28.21 23.91
C SER B 102 11.35 -29.66 23.67
N ASP B 103 10.49 -30.58 24.12
CA ASP B 103 10.82 -32.00 24.02
C ASP B 103 10.48 -32.58 22.66
N ASN B 104 9.79 -31.82 21.81
CA ASN B 104 9.38 -32.27 20.48
C ASN B 104 9.76 -31.19 19.46
N VAL B 105 10.85 -31.43 18.74
CA VAL B 105 11.29 -30.57 17.66
C VAL B 105 11.07 -31.23 16.31
N THR B 106 10.60 -32.48 16.31
CA THR B 106 10.40 -33.24 15.08
C THR B 106 9.48 -32.54 14.10
N ASP B 107 8.38 -31.94 14.60
CA ASP B 107 7.42 -31.32 13.69
C ASP B 107 7.97 -30.02 13.11
N PHE B 108 8.63 -29.21 13.92
CA PHE B 108 9.25 -28.01 13.37
C PHE B 108 10.24 -28.38 12.27
N ASN B 109 11.04 -29.42 12.51
CA ASN B 109 12.03 -29.84 11.53
C ASN B 109 11.37 -30.21 10.21
N ALA B 110 10.26 -30.94 10.27
CA ALA B 110 9.58 -31.38 9.05
C ALA B 110 9.05 -30.17 8.28
N ILE B 111 8.39 -29.25 8.99
CA ILE B 111 7.85 -28.07 8.35
C ILE B 111 8.98 -27.25 7.72
N ALA B 112 10.15 -27.24 8.35
CA ALA B 112 11.25 -26.41 7.88
C ALA B 112 12.00 -27.02 6.72
N THR B 113 11.88 -28.33 6.50
CA THR B 113 12.67 -29.01 5.47
C THR B 113 11.84 -29.54 4.31
N CYS B 114 10.51 -29.50 4.40
CA CYS B 114 9.69 -30.08 3.34
C CYS B 114 9.63 -29.14 2.14
N ASP B 115 9.29 -29.71 0.98
CA ASP B 115 9.20 -28.94 -0.25
C ASP B 115 7.74 -28.59 -0.60
N TRP B 116 6.79 -29.00 0.22
CA TRP B 116 5.37 -28.72 0.05
C TRP B 116 4.78 -29.32 -1.22
N THR B 117 5.36 -30.42 -1.71
CA THR B 117 4.86 -31.10 -2.90
C THR B 117 3.94 -32.27 -2.57
N ASN B 118 3.96 -32.73 -1.33
CA ASN B 118 3.14 -33.85 -0.87
C ASN B 118 2.04 -33.35 0.05
N ALA B 119 0.92 -34.08 0.05
CA ALA B 119 -0.22 -33.65 0.85
C ALA B 119 0.05 -33.81 2.34
N GLY B 120 0.93 -34.74 2.73
CA GLY B 120 1.27 -34.88 4.13
C GLY B 120 1.87 -33.63 4.74
N ASP B 121 2.48 -32.77 3.91
CA ASP B 121 3.04 -31.53 4.43
C ASP B 121 1.94 -30.60 4.90
N TYR B 122 0.82 -30.57 4.16
CA TYR B 122 -0.30 -29.72 4.48
C TYR B 122 -1.09 -30.29 5.65
N ILE B 123 -1.17 -31.61 5.74
CA ILE B 123 -1.83 -32.26 6.88
C ILE B 123 -1.12 -31.91 8.18
N LEU B 124 0.21 -31.96 8.18
CA LEU B 124 0.97 -31.62 9.38
C LEU B 124 0.81 -30.15 9.71
N ALA B 125 0.76 -29.29 8.70
CA ALA B 125 0.66 -27.86 8.93
C ALA B 125 -0.69 -27.47 9.51
N ASN B 126 -1.62 -28.41 9.59
CA ASN B 126 -2.95 -28.15 10.14
C ASN B 126 -3.26 -29.01 11.36
N THR B 127 -2.27 -29.76 11.85
CA THR B 127 -2.45 -30.64 13.00
C THR B 127 -1.44 -30.36 14.11
N CYS B 128 -0.47 -29.48 13.86
CA CYS B 128 0.57 -29.15 14.83
C CYS B 128 0.04 -28.09 15.79
N THR B 129 0.95 -27.50 16.57
CA THR B 129 0.58 -26.43 17.50
C THR B 129 0.32 -25.13 16.74
N GLU B 130 -0.41 -24.23 17.40
CA GLU B 130 -0.84 -23.00 16.74
C GLU B 130 0.37 -22.21 16.22
N ARG B 131 1.44 -22.13 17.00
CA ARG B 131 2.58 -21.31 16.57
C ARG B 131 3.27 -21.98 15.40
N LEU B 132 3.26 -23.31 15.36
CA LEU B 132 3.82 -24.02 14.22
C LEU B 132 2.89 -23.91 13.03
N LYS B 133 1.60 -23.71 13.26
CA LYS B 133 0.70 -23.44 12.15
C LYS B 133 1.03 -22.10 11.50
N LEU B 134 1.34 -21.09 12.32
CA LEU B 134 1.77 -19.81 11.75
C LEU B 134 3.09 -19.98 11.01
N PHE B 135 4.04 -20.70 11.60
CA PHE B 135 5.33 -20.89 10.94
C PHE B 135 5.14 -21.60 9.61
N ALA B 136 4.35 -22.67 9.60
CA ALA B 136 4.12 -23.43 8.38
C ALA B 136 3.47 -22.56 7.31
N ALA B 137 2.46 -21.77 7.69
CA ALA B 137 1.77 -20.92 6.73
C ALA B 137 2.73 -19.88 6.14
N GLU B 138 3.59 -19.29 6.97
CA GLU B 138 4.59 -18.36 6.46
C GLU B 138 5.57 -19.08 5.54
N THR B 139 6.03 -20.25 5.97
CA THR B 139 7.02 -20.99 5.19
C THR B 139 6.45 -21.40 3.84
N LEU B 140 5.22 -21.91 3.83
CA LEU B 140 4.60 -22.34 2.58
C LEU B 140 4.42 -21.16 1.64
N LYS B 141 3.92 -20.04 2.16
CA LYS B 141 3.63 -18.90 1.29
C LYS B 141 4.91 -18.34 0.70
N ALA B 142 5.97 -18.25 1.51
CA ALA B 142 7.24 -17.77 0.98
C ALA B 142 7.79 -18.71 -0.07
N THR B 143 7.64 -20.03 0.16
CA THR B 143 8.09 -21.00 -0.83
C THR B 143 7.30 -20.85 -2.12
N GLU B 144 5.97 -20.68 -2.00
CA GLU B 144 5.14 -20.47 -3.17
C GLU B 144 5.59 -19.25 -3.96
N GLU B 145 5.90 -18.16 -3.26
CA GLU B 145 6.30 -16.93 -3.94
C GLU B 145 7.64 -17.11 -4.62
N THR B 146 8.57 -17.84 -4.00
CA THR B 146 9.88 -18.04 -4.59
C THR B 146 9.80 -18.95 -5.80
N PHE B 147 8.95 -19.99 -5.72
CA PHE B 147 8.81 -20.91 -6.85
C PHE B 147 8.32 -20.18 -8.09
N LYS B 148 7.61 -19.08 -7.91
CA LYS B 148 7.12 -18.31 -9.04
C LYS B 148 8.28 -17.66 -9.80
N LEU B 149 9.38 -17.36 -9.10
CA LEU B 149 10.55 -16.78 -9.76
C LEU B 149 11.33 -17.81 -10.56
N SER B 150 11.13 -19.09 -10.27
CA SER B 150 11.78 -20.15 -11.03
C SER B 150 11.34 -20.18 -12.48
N TYR B 151 10.19 -19.58 -12.80
CA TYR B 151 9.66 -19.63 -14.16
C TYR B 151 10.35 -18.60 -15.03
N GLY B 152 10.43 -18.90 -16.33
CA GLY B 152 11.09 -18.04 -17.26
C GLY B 152 10.24 -16.88 -17.72
N ILE B 153 10.91 -15.83 -18.18
CA ILE B 153 10.24 -14.65 -18.70
C ILE B 153 9.70 -14.95 -20.08
N ALA B 154 8.52 -14.41 -20.38
CA ALA B 154 7.91 -14.51 -21.70
C ALA B 154 7.93 -13.13 -22.34
N THR B 155 8.41 -13.06 -23.59
CA THR B 155 8.57 -11.78 -24.26
C THR B 155 7.86 -11.82 -25.62
N VAL B 156 7.17 -10.73 -25.92
CA VAL B 156 6.43 -10.65 -27.18
C VAL B 156 7.42 -10.67 -28.34
N ARG B 157 7.29 -11.67 -29.20
CA ARG B 157 8.12 -11.79 -30.38
C ARG B 157 7.41 -11.28 -31.62
N GLU B 158 6.07 -11.35 -31.62
CA GLU B 158 5.26 -10.93 -32.76
C GLU B 158 3.83 -10.77 -32.29
N VAL B 159 3.23 -9.61 -32.57
CA VAL B 159 1.80 -9.40 -32.31
C VAL B 159 1.08 -9.82 -33.58
N LEU B 160 0.71 -11.10 -33.64
CA LEU B 160 0.02 -11.62 -34.82
C LEU B 160 -1.19 -10.77 -35.16
N SER B 161 -2.15 -10.73 -34.24
CA SER B 161 -3.35 -9.92 -34.37
C SER B 161 -3.88 -9.69 -32.96
N ASP B 162 -4.83 -8.77 -32.83
CA ASP B 162 -5.34 -8.45 -31.51
C ASP B 162 -5.85 -9.73 -30.86
N ARG B 163 -5.56 -9.89 -29.57
CA ARG B 163 -5.92 -11.03 -28.74
C ARG B 163 -5.00 -12.23 -29.02
N GLU B 164 -4.22 -12.20 -30.10
CA GLU B 164 -3.28 -13.25 -30.45
C GLU B 164 -1.87 -12.71 -30.29
N LEU B 165 -0.93 -13.58 -29.91
CA LEU B 165 0.41 -13.12 -29.61
C LEU B 165 1.40 -14.27 -29.74
N HIS B 166 2.59 -13.97 -30.26
CA HIS B 166 3.67 -14.93 -30.32
C HIS B 166 4.70 -14.61 -29.25
N LEU B 167 5.08 -15.62 -28.47
CA LEU B 167 5.94 -15.42 -27.30
C LEU B 167 7.26 -16.18 -27.40
N SER B 168 8.34 -15.52 -27.00
CA SER B 168 9.66 -16.13 -26.87
C SER B 168 9.95 -16.29 -25.38
N TRP B 169 10.40 -17.46 -24.98
CA TRP B 169 10.58 -17.77 -23.56
C TRP B 169 12.05 -17.81 -23.19
N GLU B 170 12.30 -17.58 -21.91
CA GLU B 170 13.68 -17.57 -21.39
C GLU B 170 14.25 -18.97 -21.39
N VAL B 171 15.51 -19.09 -21.78
CA VAL B 171 16.20 -20.38 -21.86
C VAL B 171 16.70 -20.77 -20.48
N GLY B 172 16.58 -22.06 -20.16
CA GLY B 172 17.11 -22.59 -18.92
C GLY B 172 16.12 -22.61 -17.79
N LYS B 173 14.92 -22.06 -17.99
CA LYS B 173 13.93 -21.93 -16.94
C LYS B 173 12.62 -22.59 -17.37
N PRO B 174 11.93 -23.27 -16.46
CA PRO B 174 10.63 -23.85 -16.80
C PRO B 174 9.60 -22.79 -17.20
N ARG B 175 8.63 -23.22 -18.04
CA ARG B 175 7.57 -22.31 -18.48
C ARG B 175 6.34 -22.49 -17.62
N PRO B 176 5.73 -21.40 -17.16
CA PRO B 176 4.53 -21.52 -16.34
C PRO B 176 3.37 -22.13 -17.12
N PRO B 177 2.44 -22.77 -16.42
CA PRO B 177 1.22 -23.26 -17.08
C PRO B 177 0.30 -22.11 -17.45
N LEU B 178 -0.20 -22.12 -18.68
CA LEU B 178 -1.01 -21.02 -19.20
C LEU B 178 -2.49 -21.24 -18.88
N ASN B 179 -2.82 -21.10 -17.60
CA ASN B 179 -4.20 -21.21 -17.13
C ASN B 179 -4.52 -20.01 -16.24
N ARG B 180 -5.73 -19.98 -15.68
CA ARG B 180 -6.16 -18.80 -14.93
C ARG B 180 -5.66 -18.77 -13.50
N ASN B 181 -4.99 -19.82 -13.03
CA ASN B 181 -4.32 -19.76 -11.74
C ASN B 181 -2.95 -19.10 -11.84
N TYR B 182 -2.54 -18.72 -13.05
CA TYR B 182 -1.26 -18.08 -13.32
C TYR B 182 -1.53 -16.74 -14.01
N VAL B 183 -1.42 -15.66 -13.24
CA VAL B 183 -1.67 -14.31 -13.72
C VAL B 183 -0.34 -13.60 -13.95
N PHE B 184 -0.21 -12.94 -15.10
CA PHE B 184 1.04 -12.33 -15.52
C PHE B 184 0.93 -10.81 -15.49
N THR B 185 2.07 -10.16 -15.28
CA THR B 185 2.16 -8.70 -15.33
C THR B 185 3.04 -8.28 -16.49
N GLY B 186 2.51 -7.47 -17.40
CA GLY B 186 3.28 -6.99 -18.52
C GLY B 186 4.23 -5.87 -18.13
N TYR B 187 5.20 -5.62 -19.01
CA TYR B 187 6.23 -4.61 -18.75
C TYR B 187 6.76 -4.11 -20.08
N ARG B 188 7.08 -2.82 -20.13
CA ARG B 188 7.67 -2.19 -21.31
C ARG B 188 9.06 -1.66 -20.99
N VAL B 189 9.99 -1.88 -21.92
CA VAL B 189 11.39 -1.51 -21.70
C VAL B 189 11.56 -0.01 -21.90
N THR B 190 12.14 0.65 -20.91
CA THR B 190 12.49 2.07 -20.97
C THR B 190 14.00 2.23 -20.91
N LYS B 191 14.44 3.48 -21.07
CA LYS B 191 15.87 3.78 -21.12
C LYS B 191 16.65 3.06 -20.04
N ASN B 192 16.23 3.22 -18.78
CA ASN B 192 16.95 2.63 -17.65
C ASN B 192 16.09 1.78 -16.73
N SER B 193 14.83 1.52 -17.10
CA SER B 193 14.02 0.64 -16.26
C SER B 193 12.82 0.12 -17.05
N LYS B 194 11.78 -0.31 -16.34
CA LYS B 194 10.58 -0.91 -16.88
C LYS B 194 9.36 -0.16 -16.35
N VAL B 195 8.26 -0.22 -17.08
CA VAL B 195 6.98 0.31 -16.62
C VAL B 195 5.91 -0.77 -16.74
N GLN B 196 5.16 -0.97 -15.67
CA GLN B 196 4.03 -1.90 -15.70
C GLN B 196 3.04 -1.50 -16.78
N ILE B 197 2.54 -2.50 -17.52
CA ILE B 197 1.64 -2.23 -18.63
C ILE B 197 0.36 -3.05 -18.46
N GLY B 198 0.17 -3.63 -17.27
CA GLY B 198 -1.07 -4.32 -16.97
C GLY B 198 -0.89 -5.77 -16.59
N GLU B 199 -1.90 -6.35 -15.93
CA GLU B 199 -1.89 -7.77 -15.63
C GLU B 199 -2.51 -8.53 -16.80
N TYR B 200 -2.13 -9.80 -16.93
CA TYR B 200 -2.52 -10.57 -18.10
C TYR B 200 -2.66 -12.04 -17.73
N THR B 201 -3.47 -12.74 -18.53
CA THR B 201 -3.69 -14.16 -18.42
C THR B 201 -3.65 -14.72 -19.83
N PHE B 202 -2.98 -15.85 -20.01
CA PHE B 202 -2.76 -16.39 -21.34
C PHE B 202 -3.33 -17.80 -21.46
N GLU B 203 -3.51 -18.23 -22.71
CA GLU B 203 -3.89 -19.60 -23.01
C GLU B 203 -3.45 -19.93 -24.42
N LYS B 204 -3.26 -21.23 -24.68
CA LYS B 204 -2.78 -21.69 -25.97
C LYS B 204 -3.76 -21.33 -27.08
N GLY B 205 -3.24 -21.22 -28.29
CA GLY B 205 -4.06 -20.91 -29.44
C GLY B 205 -3.50 -21.40 -30.77
N ALA B 210 1.75 -17.88 -30.42
CA ALA B 210 0.72 -18.91 -30.52
C ALA B 210 -0.13 -18.97 -29.26
N VAL B 211 -0.32 -17.82 -28.61
CA VAL B 211 -1.06 -17.74 -27.37
C VAL B 211 -2.14 -16.67 -27.49
N VAL B 212 -3.16 -16.80 -26.64
CA VAL B 212 -4.26 -15.85 -26.54
C VAL B 212 -4.13 -15.12 -25.22
N TYR B 213 -4.08 -13.79 -25.26
CA TYR B 213 -3.87 -13.00 -24.05
C TYR B 213 -5.18 -12.34 -23.62
N ARG B 214 -5.44 -12.35 -22.31
CA ARG B 214 -6.61 -11.73 -21.70
C ARG B 214 -6.16 -10.71 -20.66
N GLY B 215 -5.88 -9.49 -21.11
CA GLY B 215 -5.37 -8.46 -20.23
C GLY B 215 -6.48 -7.60 -19.63
N THR B 216 -6.25 -7.16 -18.39
CA THR B 216 -7.23 -6.30 -17.72
C THR B 216 -7.44 -5.01 -18.50
N THR B 217 -6.35 -4.29 -18.77
CA THR B 217 -6.41 -3.09 -19.57
C THR B 217 -6.14 -3.44 -21.02
N THR B 218 -6.23 -2.46 -21.91
CA THR B 218 -5.94 -2.67 -23.32
C THR B 218 -4.83 -1.73 -23.76
N TYR B 219 -3.78 -2.31 -24.35
CA TYR B 219 -2.65 -1.55 -24.88
C TYR B 219 -2.17 -2.22 -26.16
N LYS B 220 -1.70 -1.41 -27.09
CA LYS B 220 -1.15 -1.91 -28.36
C LYS B 220 0.21 -2.54 -28.09
N LEU B 221 0.19 -3.75 -27.53
CA LEU B 221 1.43 -4.45 -27.21
C LEU B 221 2.34 -4.53 -28.43
N ASN B 222 3.64 -4.45 -28.19
CA ASN B 222 4.62 -4.48 -29.25
C ASN B 222 5.79 -5.38 -28.86
N VAL B 223 6.59 -5.72 -29.87
CA VAL B 223 7.74 -6.59 -29.64
C VAL B 223 8.61 -6.01 -28.54
N GLY B 224 9.05 -6.87 -27.62
CA GLY B 224 9.90 -6.49 -26.52
C GLY B 224 9.20 -6.48 -25.18
N ASP B 225 7.87 -6.36 -25.17
CA ASP B 225 7.13 -6.41 -23.92
C ASP B 225 7.23 -7.81 -23.33
N TYR B 226 7.44 -7.87 -22.02
CA TYR B 226 7.67 -9.14 -21.36
C TYR B 226 6.69 -9.32 -20.20
N PHE B 227 6.48 -10.57 -19.83
CA PHE B 227 5.49 -10.94 -18.84
C PHE B 227 6.12 -11.84 -17.79
N VAL B 228 5.86 -11.53 -16.51
CA VAL B 228 6.40 -12.30 -15.40
C VAL B 228 5.30 -12.47 -14.35
N LEU B 229 5.22 -13.67 -13.77
CA LEU B 229 4.28 -13.91 -12.70
C LEU B 229 4.67 -13.06 -11.50
N THR B 230 3.83 -12.10 -11.14
CA THR B 230 4.19 -11.16 -10.09
C THR B 230 4.26 -11.84 -8.73
N SER B 231 5.35 -11.61 -8.03
CA SER B 231 5.57 -12.12 -6.68
C SER B 231 5.33 -11.00 -5.68
N HIS B 232 5.13 -11.38 -4.42
CA HIS B 232 4.96 -10.40 -3.37
C HIS B 232 5.72 -10.85 -2.12
N THR B 233 6.12 -9.88 -1.31
CA THR B 233 6.78 -10.20 -0.06
C THR B 233 5.77 -10.77 0.92
N VAL B 234 6.23 -11.71 1.74
CA VAL B 234 5.38 -12.35 2.75
C VAL B 234 5.74 -11.78 4.13
N MET B 235 4.73 -11.26 4.84
CA MET B 235 4.98 -10.68 6.14
C MET B 235 4.90 -11.73 7.23
N PRO B 236 5.63 -11.55 8.33
CA PRO B 236 5.53 -12.51 9.44
C PRO B 236 4.14 -12.49 10.06
N LEU B 237 3.79 -13.61 10.68
CA LEU B 237 2.49 -13.78 11.32
C LEU B 237 2.64 -13.71 12.82
N SER B 238 1.56 -13.34 13.50
CA SER B 238 1.58 -13.19 14.95
C SER B 238 0.32 -13.76 15.57
N ALA B 239 -0.84 -13.47 14.97
CA ALA B 239 -2.12 -13.86 15.54
C ALA B 239 -2.43 -15.33 15.23
N PRO B 240 -3.15 -16.01 16.14
CA PRO B 240 -3.57 -17.38 15.86
C PRO B 240 -4.57 -17.45 14.72
N THR B 241 -4.65 -18.65 14.12
CA THR B 241 -5.61 -18.85 13.03
C THR B 241 -7.03 -18.73 13.54
N LEU B 242 -7.26 -19.06 14.81
CA LEU B 242 -8.55 -18.96 15.47
C LEU B 242 -8.32 -18.37 16.85
N VAL B 243 -9.20 -17.45 17.26
CA VAL B 243 -9.10 -16.86 18.58
C VAL B 243 -9.58 -17.91 19.59
N PRO B 244 -9.29 -17.76 20.88
CA PRO B 244 -9.83 -18.71 21.86
C PRO B 244 -11.35 -18.61 21.91
N GLN B 245 -12.00 -19.75 21.77
CA GLN B 245 -13.46 -19.79 21.77
C GLN B 245 -14.03 -19.44 23.14
N GLU B 246 -15.15 -18.73 23.12
CA GLU B 246 -15.90 -18.39 24.33
C GLU B 246 -17.37 -18.60 24.05
N HIS B 247 -18.04 -19.37 24.91
CA HIS B 247 -19.50 -19.52 24.81
C HIS B 247 -20.15 -18.67 25.91
N TYR B 248 -21.26 -18.04 25.56
CA TYR B 248 -21.97 -17.14 26.46
C TYR B 248 -23.38 -17.64 26.74
N VAL B 249 -23.92 -17.22 27.89
CA VAL B 249 -25.27 -17.62 28.28
C VAL B 249 -26.31 -16.65 27.74
N ARG B 250 -25.88 -15.47 27.25
CA ARG B 250 -26.76 -14.46 26.70
C ARG B 250 -26.08 -13.85 25.50
N ILE B 251 -26.87 -13.18 24.65
CA ILE B 251 -26.28 -12.43 23.54
C ILE B 251 -25.44 -11.32 24.14
N THR B 252 -24.17 -11.26 23.75
CA THR B 252 -23.23 -10.32 24.35
C THR B 252 -22.71 -9.34 23.32
N GLY B 253 -22.79 -8.05 23.65
CA GLY B 253 -22.25 -6.99 22.82
C GLY B 253 -23.13 -6.59 21.66
N LEU B 254 -24.29 -7.20 21.52
CA LEU B 254 -25.16 -6.98 20.37
C LEU B 254 -26.58 -6.74 20.87
N TYR B 255 -27.30 -5.89 20.16
CA TYR B 255 -28.67 -5.52 20.54
C TYR B 255 -29.62 -5.95 19.45
N PRO B 256 -30.34 -7.06 19.64
CA PRO B 256 -31.23 -7.55 18.60
C PRO B 256 -32.40 -6.62 18.34
N THR B 257 -32.79 -6.57 17.07
CA THR B 257 -33.91 -5.74 16.67
C THR B 257 -35.21 -6.37 17.15
N LEU B 258 -36.28 -5.58 17.09
CA LEU B 258 -37.58 -6.07 17.50
C LEU B 258 -38.43 -6.44 16.30
N ASN B 259 -38.28 -5.69 15.21
CA ASN B 259 -39.01 -5.90 13.96
C ASN B 259 -38.04 -6.40 12.90
N ILE B 260 -38.37 -7.52 12.27
CA ILE B 260 -37.52 -8.09 11.22
C ILE B 260 -38.40 -8.48 10.04
N SER B 261 -37.83 -8.45 8.84
CA SER B 261 -38.54 -8.88 7.64
C SER B 261 -38.65 -10.40 7.57
N ASP B 262 -39.75 -10.87 6.97
CA ASP B 262 -39.92 -12.32 6.80
C ASP B 262 -38.91 -12.91 5.83
N GLU B 263 -38.13 -12.06 5.16
CA GLU B 263 -37.06 -12.53 4.28
C GLU B 263 -35.88 -13.09 5.06
N PHE B 264 -35.82 -12.84 6.36
CA PHE B 264 -34.71 -13.25 7.17
C PHE B 264 -35.15 -13.99 8.42
N SER B 265 -36.46 -14.23 8.57
CA SER B 265 -36.98 -14.94 9.73
C SER B 265 -36.37 -16.33 9.86
N SER B 266 -36.00 -16.96 8.73
CA SER B 266 -35.44 -18.30 8.80
C SER B 266 -34.11 -18.35 9.54
N ASN B 267 -33.38 -17.24 9.61
CA ASN B 267 -32.05 -17.22 10.21
C ASN B 267 -32.02 -16.62 11.61
N VAL B 268 -33.18 -16.35 12.21
CA VAL B 268 -33.20 -15.63 13.47
C VAL B 268 -32.56 -16.45 14.59
N ALA B 269 -32.84 -17.75 14.65
CA ALA B 269 -32.18 -18.57 15.66
C ALA B 269 -30.67 -18.58 15.47
N ASN B 270 -30.22 -18.77 14.22
CA ASN B 270 -28.78 -18.77 13.95
C ASN B 270 -28.16 -17.41 14.25
N TYR B 271 -28.91 -16.32 14.07
CA TYR B 271 -28.37 -15.00 14.33
C TYR B 271 -28.20 -14.79 15.83
N GLN B 272 -29.05 -15.41 16.64
CA GLN B 272 -28.89 -15.34 18.08
C GLN B 272 -27.70 -16.18 18.52
N LYS B 273 -27.51 -17.35 17.90
CA LYS B 273 -26.35 -18.18 18.20
C LYS B 273 -25.05 -17.43 17.92
N VAL B 274 -25.04 -16.62 16.85
CA VAL B 274 -23.84 -15.83 16.53
C VAL B 274 -23.47 -14.92 17.70
N GLY B 275 -24.47 -14.41 18.41
CA GLY B 275 -24.20 -13.48 19.49
C GLY B 275 -23.93 -14.15 20.82
N MET B 276 -24.04 -15.46 20.90
CA MET B 276 -23.83 -16.19 22.15
C MET B 276 -22.52 -16.96 22.19
N GLN B 277 -21.61 -16.71 21.25
CA GLN B 277 -20.30 -17.34 21.26
C GLN B 277 -19.33 -16.46 20.49
N LYS B 278 -18.05 -16.53 20.85
CA LYS B 278 -17.05 -15.65 20.25
C LYS B 278 -16.93 -15.87 18.74
N TYR B 279 -16.83 -17.11 18.29
CA TYR B 279 -16.74 -17.38 16.86
C TYR B 279 -17.68 -18.53 16.52
N SER B 280 -18.33 -18.42 15.36
CA SER B 280 -19.29 -19.40 14.88
C SER B 280 -19.02 -19.73 13.42
N THR B 281 -19.27 -20.99 13.04
CA THR B 281 -19.08 -21.45 11.68
C THR B 281 -20.42 -21.75 11.02
N LEU B 282 -20.59 -21.30 9.77
CA LEU B 282 -21.80 -21.54 8.99
C LEU B 282 -21.47 -22.29 7.71
N GLN B 283 -21.94 -23.53 7.59
CA GLN B 283 -21.78 -24.31 6.36
C GLN B 283 -22.96 -23.99 5.44
N GLY B 284 -22.70 -23.27 4.35
CA GLY B 284 -23.72 -22.92 3.40
C GLY B 284 -23.52 -23.67 2.10
N PRO B 285 -24.24 -24.78 1.92
CA PRO B 285 -24.21 -25.51 0.63
C PRO B 285 -24.61 -24.63 -0.54
N PRO B 286 -24.35 -25.07 -1.76
CA PRO B 286 -24.74 -24.27 -2.94
C PRO B 286 -26.22 -23.94 -2.95
N GLY B 287 -26.51 -22.66 -3.21
CA GLY B 287 -27.87 -22.20 -3.35
C GLY B 287 -28.68 -22.13 -2.08
N THR B 288 -28.02 -21.95 -0.93
CA THR B 288 -28.70 -21.94 0.35
C THR B 288 -28.88 -20.55 0.92
N GLY B 289 -28.10 -19.57 0.44
CA GLY B 289 -28.26 -18.18 0.84
C GLY B 289 -27.20 -17.66 1.79
N LYS B 290 -25.93 -17.92 1.48
CA LYS B 290 -24.86 -17.47 2.37
C LYS B 290 -24.82 -15.96 2.46
N SER B 291 -24.85 -15.28 1.31
CA SER B 291 -24.79 -13.82 1.32
C SER B 291 -26.06 -13.23 1.92
N HIS B 292 -27.20 -13.89 1.71
CA HIS B 292 -28.44 -13.46 2.33
C HIS B 292 -28.32 -13.50 3.85
N PHE B 293 -27.73 -14.58 4.37
CA PHE B 293 -27.49 -14.69 5.80
C PHE B 293 -26.59 -13.57 6.29
N ALA B 294 -25.49 -13.32 5.57
CA ALA B 294 -24.50 -12.35 6.01
C ALA B 294 -25.10 -10.95 6.12
N ILE B 295 -25.88 -10.53 5.12
CA ILE B 295 -26.48 -9.20 5.16
C ILE B 295 -27.62 -9.14 6.16
N GLY B 296 -28.38 -10.24 6.30
CA GLY B 296 -29.44 -10.27 7.29
C GLY B 296 -28.94 -10.05 8.70
N LEU B 297 -27.72 -10.52 8.99
CA LEU B 297 -27.14 -10.32 10.31
C LEU B 297 -27.11 -8.85 10.68
N ALA B 298 -26.84 -7.99 9.69
CA ALA B 298 -26.79 -6.55 9.94
C ALA B 298 -28.17 -6.00 10.27
N LEU B 299 -29.21 -6.57 9.66
CA LEU B 299 -30.57 -6.13 9.94
C LEU B 299 -31.04 -6.62 11.31
N TYR B 300 -30.60 -7.81 11.72
CA TYR B 300 -31.00 -8.31 13.03
C TYR B 300 -30.28 -7.60 14.16
N TYR B 301 -29.06 -7.09 13.91
CA TYR B 301 -28.30 -6.31 14.89
C TYR B 301 -28.09 -4.91 14.30
N PRO B 302 -29.15 -4.12 14.18
CA PRO B 302 -29.08 -2.85 13.45
C PRO B 302 -28.00 -1.87 13.90
N SER B 303 -27.59 -1.87 15.16
CA SER B 303 -26.64 -0.86 15.62
C SER B 303 -25.19 -1.33 15.52
N ALA B 304 -24.96 -2.57 15.10
CA ALA B 304 -23.63 -3.16 15.14
C ALA B 304 -22.78 -2.73 13.94
N ARG B 305 -21.50 -2.50 14.21
CA ARG B 305 -20.51 -2.24 13.17
C ARG B 305 -19.99 -3.57 12.65
N ILE B 306 -20.15 -3.82 11.35
CA ILE B 306 -19.80 -5.11 10.77
C ILE B 306 -18.77 -4.91 9.65
N VAL B 307 -17.74 -5.75 9.67
CA VAL B 307 -16.74 -5.80 8.62
C VAL B 307 -16.96 -7.10 7.85
N TYR B 308 -17.23 -6.97 6.55
CA TYR B 308 -17.39 -8.12 5.67
C TYR B 308 -16.07 -8.33 4.93
N THR B 309 -15.51 -9.53 5.04
CA THR B 309 -14.21 -9.81 4.44
C THR B 309 -14.24 -11.16 3.72
N ALA B 310 -13.39 -11.27 2.70
CA ALA B 310 -13.18 -12.51 1.95
C ALA B 310 -11.82 -12.42 1.29
N CYS B 311 -11.34 -13.56 0.77
CA CYS B 311 -10.02 -13.56 0.15
C CYS B 311 -10.03 -12.89 -1.23
N SER B 312 -11.07 -13.12 -2.03
CA SER B 312 -11.13 -12.63 -3.39
C SER B 312 -11.97 -11.37 -3.52
N HIS B 313 -11.64 -10.55 -4.51
CA HIS B 313 -12.42 -9.33 -4.74
C HIS B 313 -13.82 -9.69 -5.21
N ALA B 314 -13.97 -10.77 -5.99
CA ALA B 314 -15.28 -11.18 -6.46
C ALA B 314 -16.20 -11.50 -5.29
N ALA B 315 -15.70 -12.27 -4.31
CA ALA B 315 -16.53 -12.64 -3.17
C ALA B 315 -16.92 -11.40 -2.37
N VAL B 316 -15.99 -10.48 -2.16
CA VAL B 316 -16.31 -9.25 -1.46
C VAL B 316 -17.37 -8.46 -2.23
N ASP B 317 -17.23 -8.37 -3.56
CA ASP B 317 -18.16 -7.58 -4.35
C ASP B 317 -19.56 -8.18 -4.33
N ALA B 318 -19.67 -9.52 -4.26
CA ALA B 318 -20.98 -10.13 -4.16
C ALA B 318 -21.68 -9.74 -2.86
N LEU B 319 -20.90 -9.60 -1.78
CA LEU B 319 -21.48 -9.13 -0.52
C LEU B 319 -21.90 -7.67 -0.66
N CYS B 320 -21.10 -6.86 -1.36
CA CYS B 320 -21.48 -5.47 -1.62
C CYS B 320 -22.78 -5.40 -2.39
N GLU B 321 -22.99 -6.31 -3.35
CA GLU B 321 -24.19 -6.26 -4.18
C GLU B 321 -25.42 -6.64 -3.37
N LYS B 322 -25.32 -7.69 -2.55
CA LYS B 322 -26.47 -8.08 -1.74
C LYS B 322 -26.75 -7.02 -0.69
N ALA B 323 -25.72 -6.32 -0.22
CA ALA B 323 -25.92 -5.25 0.74
C ALA B 323 -26.63 -4.07 0.09
N LEU B 324 -26.36 -3.83 -1.19
CA LEU B 324 -26.99 -2.72 -1.90
C LEU B 324 -28.51 -2.85 -1.91
N LYS B 325 -29.02 -4.09 -1.82
CA LYS B 325 -30.45 -4.33 -1.83
C LYS B 325 -31.10 -4.18 -0.46
N TYR B 326 -30.33 -4.20 0.62
CA TYR B 326 -30.90 -4.23 1.96
C TYR B 326 -30.33 -3.22 2.93
N LEU B 327 -29.13 -2.69 2.70
CA LEU B 327 -28.47 -1.82 3.67
C LEU B 327 -28.32 -0.40 3.11
N PRO B 328 -28.34 0.62 3.97
CA PRO B 328 -28.15 1.99 3.49
C PRO B 328 -26.76 2.20 2.89
N ILE B 329 -26.74 2.78 1.68
CA ILE B 329 -25.49 2.95 0.95
C ILE B 329 -24.57 3.95 1.67
N ASP B 330 -25.13 4.87 2.44
CA ASP B 330 -24.33 5.90 3.10
C ASP B 330 -23.61 5.37 4.32
N LYS B 331 -23.96 4.16 4.76
CA LYS B 331 -23.39 3.52 5.93
C LYS B 331 -22.44 2.41 5.54
N CYS B 332 -22.15 2.27 4.24
CA CYS B 332 -21.29 1.24 3.68
C CYS B 332 -20.05 1.89 3.08
N SER B 333 -18.95 1.14 3.06
CA SER B 333 -17.72 1.63 2.42
C SER B 333 -16.92 0.44 1.91
N ARG B 334 -16.44 0.55 0.67
CA ARG B 334 -15.58 -0.45 0.06
C ARG B 334 -14.13 0.01 0.21
N ILE B 335 -13.29 -0.82 0.83
CA ILE B 335 -11.88 -0.50 1.01
C ILE B 335 -11.09 -1.07 -0.16
N ILE B 336 -10.29 -0.22 -0.79
CA ILE B 336 -9.53 -0.59 -1.99
C ILE B 336 -8.07 -0.20 -1.82
N PRO B 337 -7.13 -1.14 -1.98
CA PRO B 337 -5.71 -0.78 -1.97
C PRO B 337 -5.36 0.06 -3.19
N ALA B 338 -4.97 1.30 -2.96
CA ALA B 338 -4.70 2.22 -4.05
C ALA B 338 -3.34 1.96 -4.68
N VAL B 342 -7.24 -4.56 -10.51
CA VAL B 342 -8.52 -5.14 -10.93
C VAL B 342 -9.66 -4.20 -10.53
N GLU B 343 -10.67 -4.10 -11.39
CA GLU B 343 -11.83 -3.26 -11.10
C GLU B 343 -12.79 -3.97 -10.16
N CYS B 344 -13.34 -3.20 -9.21
CA CYS B 344 -14.21 -3.76 -8.20
C CYS B 344 -15.53 -2.99 -8.12
N PHE B 345 -16.26 -3.20 -7.04
CA PHE B 345 -17.52 -2.53 -6.79
C PHE B 345 -17.24 -1.04 -6.57
N ASP B 346 -17.97 -0.16 -7.27
CA ASP B 346 -17.66 1.26 -7.23
C ASP B 346 -18.86 2.11 -6.82
N LYS B 347 -19.78 1.54 -6.06
CA LYS B 347 -21.00 2.27 -5.70
C LYS B 347 -21.02 2.69 -4.24
N PHE B 348 -20.03 2.27 -3.45
CA PHE B 348 -19.86 2.71 -2.07
C PHE B 348 -18.71 3.71 -2.01
N LYS B 349 -18.71 4.54 -0.97
CA LYS B 349 -17.57 5.41 -0.75
C LYS B 349 -16.35 4.55 -0.49
N VAL B 350 -15.19 5.00 -0.96
CA VAL B 350 -13.96 4.20 -0.90
C VAL B 350 -13.11 4.62 0.28
N ASN B 351 -12.64 3.64 1.06
CA ASN B 351 -11.64 3.84 2.10
C ASN B 351 -12.14 4.74 3.24
N SER B 352 -13.35 4.45 3.72
CA SER B 352 -13.89 5.10 4.91
C SER B 352 -14.02 4.01 5.96
N THR B 353 -12.92 3.80 6.71
CA THR B 353 -12.86 2.72 7.68
C THR B 353 -13.83 2.89 8.83
N LEU B 354 -14.36 4.09 9.06
CA LEU B 354 -15.22 4.31 10.22
C LEU B 354 -16.69 4.13 9.88
N GLU B 355 -17.01 3.71 8.67
CA GLU B 355 -18.39 3.44 8.30
C GLU B 355 -18.88 2.20 9.03
N GLN B 356 -20.18 2.14 9.30
CA GLN B 356 -20.72 0.99 10.03
C GLN B 356 -20.51 -0.31 9.27
N TYR B 357 -20.65 -0.28 7.95
CA TYR B 357 -20.53 -1.46 7.11
C TYR B 357 -19.30 -1.32 6.22
N VAL B 358 -18.23 -2.04 6.54
CA VAL B 358 -16.99 -2.00 5.78
C VAL B 358 -16.80 -3.30 5.01
N PHE B 359 -16.55 -3.19 3.71
CA PHE B 359 -16.35 -4.34 2.82
C PHE B 359 -14.92 -4.28 2.31
N CYS B 360 -14.17 -5.37 2.52
CA CYS B 360 -12.75 -5.32 2.17
C CYS B 360 -12.19 -6.72 2.05
N THR B 361 -11.14 -6.86 1.23
CA THR B 361 -10.44 -8.13 1.11
C THR B 361 -9.47 -8.30 2.28
N VAL B 362 -9.04 -9.55 2.49
CA VAL B 362 -8.19 -9.84 3.65
C VAL B 362 -6.88 -9.07 3.55
N ASN B 363 -6.31 -8.96 2.33
CA ASN B 363 -4.99 -8.33 2.20
C ASN B 363 -5.04 -6.83 2.41
N ALA B 364 -6.19 -6.20 2.17
CA ALA B 364 -6.33 -4.76 2.30
C ALA B 364 -6.95 -4.34 3.63
N LEU B 365 -7.19 -5.30 4.52
CA LEU B 365 -7.85 -5.00 5.78
C LEU B 365 -7.06 -3.97 6.58
N PRO B 366 -7.71 -2.96 7.14
CA PRO B 366 -7.03 -2.02 8.04
C PRO B 366 -7.06 -2.55 9.46
N GLU B 367 -6.22 -1.96 10.30
CA GLU B 367 -6.25 -2.29 11.73
C GLU B 367 -7.40 -1.51 12.34
N THR B 368 -8.45 -2.23 12.76
CA THR B 368 -9.62 -1.58 13.33
C THR B 368 -10.35 -2.57 14.23
N THR B 369 -11.46 -2.14 14.79
CA THR B 369 -12.30 -2.95 15.65
C THR B 369 -13.68 -3.05 15.01
N ALA B 370 -14.50 -3.94 15.54
CA ALA B 370 -15.85 -4.10 15.03
C ALA B 370 -16.65 -4.97 15.99
N ASP B 371 -17.97 -4.88 15.88
CA ASP B 371 -18.83 -5.75 16.68
C ASP B 371 -18.86 -7.16 16.11
N ILE B 372 -18.99 -7.29 14.79
CA ILE B 372 -19.04 -8.58 14.11
C ILE B 372 -18.13 -8.56 12.90
N VAL B 373 -17.39 -9.64 12.70
CA VAL B 373 -16.60 -9.85 11.49
C VAL B 373 -17.19 -11.03 10.74
N VAL B 374 -17.58 -10.82 9.48
CA VAL B 374 -18.09 -11.87 8.61
C VAL B 374 -17.01 -12.21 7.59
N PHE B 375 -16.57 -13.46 7.60
CA PHE B 375 -15.52 -13.94 6.69
C PHE B 375 -16.17 -14.99 5.78
N ASP B 376 -16.38 -14.65 4.50
CA ASP B 376 -17.07 -15.53 3.58
C ASP B 376 -16.08 -16.35 2.75
N GLU B 377 -16.61 -17.34 2.02
CA GLU B 377 -15.79 -18.22 1.19
C GLU B 377 -14.61 -18.77 2.01
N ILE B 378 -14.96 -19.44 3.11
CA ILE B 378 -13.93 -19.92 4.04
C ILE B 378 -13.17 -21.10 3.47
N SER B 379 -13.80 -21.89 2.58
CA SER B 379 -13.06 -22.99 1.98
C SER B 379 -11.86 -22.48 1.19
N MET B 380 -11.95 -21.26 0.66
CA MET B 380 -10.92 -20.66 -0.17
C MET B 380 -9.82 -19.97 0.63
N ALA B 381 -9.89 -20.00 1.94
CA ALA B 381 -8.93 -19.30 2.78
C ALA B 381 -7.82 -20.25 3.20
N THR B 382 -6.66 -19.68 3.50
CA THR B 382 -5.53 -20.41 4.03
C THR B 382 -5.35 -20.03 5.48
N ASN B 383 -4.54 -20.83 6.20
CA ASN B 383 -4.23 -20.43 7.56
C ASN B 383 -3.52 -19.08 7.61
N TYR B 384 -2.86 -18.69 6.52
CA TYR B 384 -2.27 -17.36 6.46
C TYR B 384 -3.34 -16.27 6.53
N ASP B 385 -4.39 -16.41 5.72
CA ASP B 385 -5.47 -15.42 5.75
C ASP B 385 -6.14 -15.36 7.11
N LEU B 386 -6.42 -16.52 7.72
CA LEU B 386 -7.09 -16.51 9.02
C LEU B 386 -6.30 -15.72 10.04
N SER B 387 -4.97 -15.84 10.01
CA SER B 387 -4.14 -15.15 10.99
C SER B 387 -4.14 -13.65 10.74
N VAL B 388 -4.12 -13.23 9.47
CA VAL B 388 -4.11 -11.81 9.15
C VAL B 388 -5.39 -11.15 9.66
N VAL B 389 -6.54 -11.80 9.44
CA VAL B 389 -7.80 -11.25 9.91
C VAL B 389 -7.77 -11.08 11.42
N ASN B 390 -7.32 -12.11 12.14
CA ASN B 390 -7.27 -12.04 13.59
C ASN B 390 -6.29 -10.98 14.06
N ALA B 391 -5.26 -10.68 13.26
CA ALA B 391 -4.26 -9.70 13.68
C ALA B 391 -4.71 -8.29 13.39
N ARG B 392 -5.45 -8.08 12.30
CA ARG B 392 -5.87 -6.74 11.93
C ARG B 392 -7.24 -6.37 12.46
N LEU B 393 -8.07 -7.36 12.79
CA LEU B 393 -9.45 -7.12 13.16
C LEU B 393 -9.73 -7.66 14.56
N ARG B 394 -9.89 -6.76 15.52
CA ARG B 394 -10.32 -7.12 16.86
C ARG B 394 -11.83 -6.97 16.83
N ALA B 395 -12.53 -7.99 17.32
CA ALA B 395 -13.99 -8.04 17.20
C ALA B 395 -14.61 -8.76 18.39
N LYS B 396 -15.89 -8.48 18.65
CA LYS B 396 -16.62 -9.20 19.69
C LYS B 396 -17.10 -10.56 19.20
N HIS B 397 -17.40 -10.67 17.90
CA HIS B 397 -17.92 -11.90 17.33
C HIS B 397 -17.35 -12.09 15.93
N TYR B 398 -17.03 -13.34 15.59
CA TYR B 398 -16.47 -13.69 14.30
C TYR B 398 -17.36 -14.76 13.68
N VAL B 399 -17.81 -14.53 12.45
CA VAL B 399 -18.64 -15.49 11.73
C VAL B 399 -17.89 -15.93 10.49
N TYR B 400 -17.67 -17.23 10.36
CA TYR B 400 -17.01 -17.83 9.21
C TYR B 400 -18.06 -18.54 8.37
N ILE B 401 -18.27 -18.06 7.15
CA ILE B 401 -19.25 -18.61 6.22
C ILE B 401 -18.52 -19.26 5.05
N GLY B 402 -18.92 -20.48 4.72
CA GLY B 402 -18.32 -21.19 3.62
C GLY B 402 -18.91 -22.57 3.47
N ASP B 403 -18.17 -23.46 2.82
CA ASP B 403 -18.59 -24.85 2.64
C ASP B 403 -17.38 -25.74 2.45
N PRO B 404 -17.00 -26.55 3.46
CA PRO B 404 -15.86 -27.45 3.29
C PRO B 404 -16.04 -28.47 2.19
N ALA B 405 -17.22 -28.51 1.57
CA ALA B 405 -17.50 -29.48 0.53
C ALA B 405 -17.28 -28.88 -0.85
N GLN B 406 -16.91 -27.61 -0.93
CA GLN B 406 -16.60 -26.95 -2.18
C GLN B 406 -15.06 -26.85 -2.31
N LEU B 407 -14.60 -26.08 -3.29
CA LEU B 407 -13.20 -26.06 -3.65
C LEU B 407 -12.36 -25.19 -2.72
N PRO B 408 -11.13 -25.61 -2.44
CA PRO B 408 -10.20 -24.78 -1.66
C PRO B 408 -9.35 -23.92 -2.59
N ALA B 409 -8.54 -23.06 -1.98
CA ALA B 409 -7.59 -22.28 -2.74
C ALA B 409 -6.60 -23.21 -3.44
N PRO B 410 -6.19 -22.90 -4.67
CA PRO B 410 -5.18 -23.72 -5.35
C PRO B 410 -3.87 -23.74 -4.59
N ARG B 411 -3.29 -24.93 -4.46
CA ARG B 411 -1.95 -25.11 -3.89
C ARG B 411 -1.03 -25.43 -5.06
N THR B 412 -0.39 -24.38 -5.59
CA THR B 412 0.42 -24.49 -6.80
C THR B 412 1.56 -25.48 -6.67
N LEU B 413 1.97 -25.82 -5.44
CA LEU B 413 3.12 -26.69 -5.23
C LEU B 413 2.73 -28.13 -4.95
N LEU B 414 1.50 -28.36 -4.50
CA LEU B 414 1.04 -29.70 -4.18
C LEU B 414 0.73 -30.45 -5.47
N THR B 415 1.54 -31.48 -5.76
CA THR B 415 1.39 -32.27 -6.97
C THR B 415 1.15 -33.74 -6.67
N LYS B 416 1.45 -34.21 -5.47
CA LYS B 416 1.35 -35.61 -5.09
C LYS B 416 0.42 -35.69 -3.89
N GLY B 417 -0.73 -36.32 -4.07
CA GLY B 417 -1.64 -36.50 -2.97
C GLY B 417 -2.89 -35.63 -3.12
N THR B 418 -3.92 -36.00 -2.37
CA THR B 418 -5.16 -35.24 -2.31
C THR B 418 -5.30 -34.60 -0.94
N LEU B 419 -5.61 -33.31 -0.92
CA LEU B 419 -5.82 -32.56 0.31
C LEU B 419 -7.30 -32.66 0.70
N GLU B 420 -7.57 -33.33 1.82
CA GLU B 420 -8.94 -33.49 2.29
C GLU B 420 -9.47 -32.19 2.90
N PRO B 421 -10.79 -32.00 2.88
CA PRO B 421 -11.37 -30.74 3.37
C PRO B 421 -11.01 -30.42 4.82
N GLU B 422 -10.82 -31.43 5.67
CA GLU B 422 -10.45 -31.18 7.06
C GLU B 422 -9.07 -30.57 7.20
N TYR B 423 -8.36 -30.41 6.08
CA TYR B 423 -6.98 -29.91 6.07
C TYR B 423 -6.86 -28.62 5.25
N PHE B 424 -7.99 -28.06 4.78
CA PHE B 424 -7.93 -26.82 4.02
C PHE B 424 -7.43 -25.66 4.88
N ASN B 425 -7.99 -25.51 6.08
CA ASN B 425 -7.59 -24.50 7.04
C ASN B 425 -8.18 -24.88 8.40
N SER B 426 -7.86 -24.08 9.41
CA SER B 426 -8.33 -24.39 10.77
C SER B 426 -9.84 -24.39 10.87
N VAL B 427 -10.52 -23.47 10.17
CA VAL B 427 -11.97 -23.40 10.29
C VAL B 427 -12.60 -24.63 9.64
N CYS B 428 -12.10 -25.04 8.47
CA CYS B 428 -12.66 -26.21 7.82
C CYS B 428 -12.37 -27.46 8.65
N ARG B 429 -11.22 -27.52 9.30
CA ARG B 429 -10.94 -28.64 10.19
C ARG B 429 -12.03 -28.76 11.25
N LEU B 430 -12.36 -27.64 11.91
CA LEU B 430 -13.41 -27.66 12.93
C LEU B 430 -14.73 -28.17 12.33
N MET B 431 -15.12 -27.60 11.19
CA MET B 431 -16.40 -27.95 10.60
C MET B 431 -16.47 -29.43 10.24
N LYS B 432 -15.33 -30.05 9.95
CA LYS B 432 -15.31 -31.45 9.56
C LYS B 432 -15.10 -32.39 10.74
N THR B 433 -14.56 -31.89 11.86
CA THR B 433 -14.29 -32.73 13.03
C THR B 433 -15.41 -32.59 14.05
N ILE B 434 -15.63 -31.37 14.57
CA ILE B 434 -16.67 -31.15 15.57
C ILE B 434 -18.00 -30.77 14.91
N GLY B 435 -18.00 -30.44 13.62
CA GLY B 435 -19.18 -30.04 12.91
C GLY B 435 -19.38 -28.54 12.83
N PRO B 436 -20.22 -28.11 11.89
CA PRO B 436 -20.56 -26.68 11.81
C PRO B 436 -21.52 -26.26 12.90
N ASP B 437 -21.31 -25.05 13.41
CA ASP B 437 -22.26 -24.50 14.38
C ASP B 437 -23.64 -24.32 13.75
N MET B 438 -23.67 -23.87 12.49
CA MET B 438 -24.91 -23.56 11.79
C MET B 438 -24.89 -24.17 10.39
N PHE B 439 -26.06 -24.58 9.92
CA PHE B 439 -26.16 -25.23 8.63
C PHE B 439 -27.38 -24.69 7.89
N LEU B 440 -27.17 -24.29 6.63
CA LEU B 440 -28.26 -23.85 5.76
C LEU B 440 -28.73 -25.08 5.01
N GLY B 441 -29.85 -25.64 5.42
CA GLY B 441 -30.26 -26.93 4.89
C GLY B 441 -31.15 -26.96 3.67
N THR B 442 -31.55 -25.83 3.09
CA THR B 442 -32.48 -25.87 1.97
C THR B 442 -31.85 -25.20 0.75
N CYS B 443 -31.59 -26.01 -0.27
CA CYS B 443 -31.08 -25.51 -1.55
C CYS B 443 -32.25 -24.98 -2.35
N ARG B 444 -32.08 -23.78 -2.93
CA ARG B 444 -33.16 -23.14 -3.65
C ARG B 444 -32.89 -23.00 -5.14
N ARG B 445 -31.69 -23.37 -5.58
CA ARG B 445 -31.28 -23.16 -6.96
C ARG B 445 -31.43 -24.40 -7.84
N CYS B 446 -31.16 -25.58 -7.29
CA CYS B 446 -30.99 -26.78 -8.11
C CYS B 446 -32.23 -27.66 -8.16
N PRO B 447 -32.47 -28.28 -9.32
CA PRO B 447 -33.51 -29.31 -9.40
C PRO B 447 -33.29 -30.39 -8.35
N ALA B 448 -34.38 -31.04 -7.94
CA ALA B 448 -34.28 -32.04 -6.89
C ALA B 448 -33.26 -33.14 -7.20
N GLU B 449 -33.10 -33.50 -8.48
CA GLU B 449 -32.17 -34.56 -8.82
C GLU B 449 -30.74 -34.20 -8.44
N ILE B 450 -30.37 -32.94 -8.59
CA ILE B 450 -29.02 -32.53 -8.23
C ILE B 450 -28.88 -32.44 -6.72
N VAL B 451 -29.89 -31.90 -6.03
CA VAL B 451 -29.82 -31.79 -4.58
C VAL B 451 -29.74 -33.16 -3.94
N ASP B 452 -30.52 -34.12 -4.44
CA ASP B 452 -30.48 -35.45 -3.86
C ASP B 452 -29.12 -36.09 -4.04
N THR B 453 -28.45 -35.82 -5.17
CA THR B 453 -27.16 -36.45 -5.41
C THR B 453 -26.10 -35.91 -4.44
N VAL B 454 -26.05 -34.58 -4.28
CA VAL B 454 -24.99 -33.99 -3.47
C VAL B 454 -25.31 -34.13 -1.99
N SER B 455 -26.59 -34.12 -1.62
CA SER B 455 -26.95 -34.32 -0.22
C SER B 455 -26.37 -35.64 0.28
N ALA B 456 -26.50 -36.69 -0.53
CA ALA B 456 -26.01 -38.01 -0.15
C ALA B 456 -24.50 -38.10 -0.33
N LEU B 457 -23.96 -37.38 -1.31
CA LEU B 457 -22.54 -37.51 -1.65
C LEU B 457 -21.63 -36.77 -0.67
N VAL B 458 -22.05 -35.60 -0.17
CA VAL B 458 -21.14 -34.79 0.65
C VAL B 458 -21.81 -34.11 1.83
N TYR B 459 -23.12 -34.26 2.01
CA TYR B 459 -23.82 -33.53 3.06
C TYR B 459 -24.59 -34.44 4.02
N ASP B 460 -24.22 -35.72 4.09
CA ASP B 460 -24.85 -36.67 5.00
C ASP B 460 -26.37 -36.63 4.95
N ASN B 461 -26.91 -36.40 3.76
CA ASN B 461 -28.35 -36.45 3.52
C ASN B 461 -29.10 -35.38 4.33
N LYS B 462 -28.47 -34.24 4.53
CA LYS B 462 -29.08 -33.16 5.31
C LYS B 462 -29.45 -31.95 4.48
N LEU B 463 -29.05 -31.92 3.21
CA LEU B 463 -29.45 -30.83 2.33
C LEU B 463 -30.78 -31.20 1.69
N LYS B 464 -31.76 -30.32 1.82
CA LYS B 464 -33.09 -30.54 1.27
C LYS B 464 -33.31 -29.64 0.07
N ALA B 465 -34.17 -30.09 -0.84
CA ALA B 465 -34.46 -29.33 -2.05
C ALA B 465 -35.72 -28.49 -1.88
N HIS B 466 -35.73 -27.34 -2.55
CA HIS B 466 -36.89 -26.48 -2.61
C HIS B 466 -37.67 -26.77 -3.88
N LYS B 467 -36.97 -26.84 -5.00
CA LYS B 467 -37.58 -27.11 -6.30
C LYS B 467 -37.90 -28.60 -6.38
N ASP B 468 -38.77 -28.95 -7.31
CA ASP B 468 -39.07 -30.35 -7.53
C ASP B 468 -38.13 -30.90 -8.60
N LYS B 469 -38.35 -32.15 -8.99
CA LYS B 469 -37.55 -32.72 -10.07
C LYS B 469 -37.84 -31.96 -11.35
N SER B 470 -36.79 -31.75 -12.15
CA SER B 470 -36.93 -31.01 -13.40
C SER B 470 -37.12 -31.93 -14.61
N ALA B 471 -36.66 -33.17 -14.53
CA ALA B 471 -36.65 -34.12 -15.64
C ALA B 471 -35.72 -33.69 -16.76
N GLN B 472 -34.77 -32.80 -16.45
CA GLN B 472 -33.78 -32.33 -17.42
C GLN B 472 -32.35 -32.54 -16.93
N CYS B 473 -32.15 -33.50 -16.02
CA CYS B 473 -30.84 -33.86 -15.49
C CYS B 473 -30.46 -35.22 -16.06
N PHE B 474 -29.47 -35.24 -16.96
CA PHE B 474 -29.12 -36.45 -17.69
C PHE B 474 -27.65 -36.81 -17.50
N LYS B 475 -27.33 -38.08 -17.74
CA LYS B 475 -25.96 -38.57 -17.59
C LYS B 475 -25.67 -39.63 -18.64
N MET B 476 -24.44 -39.63 -19.13
CA MET B 476 -23.97 -40.65 -20.07
C MET B 476 -22.60 -41.10 -19.62
N PHE B 477 -22.30 -42.38 -19.83
CA PHE B 477 -20.98 -42.92 -19.53
C PHE B 477 -20.26 -43.15 -20.85
N TYR B 478 -19.22 -42.36 -21.10
CA TYR B 478 -18.46 -42.44 -22.34
C TYR B 478 -17.02 -42.04 -22.07
N LYS B 479 -16.11 -43.01 -22.12
CA LYS B 479 -14.71 -42.75 -21.82
C LYS B 479 -14.06 -41.89 -22.89
N GLY B 480 -14.41 -42.12 -24.16
CA GLY B 480 -13.86 -41.35 -25.27
C GLY B 480 -12.38 -41.58 -25.49
N VAL B 481 -11.70 -40.53 -25.93
CA VAL B 481 -10.26 -40.57 -26.21
C VAL B 481 -9.61 -39.40 -25.49
N ILE B 482 -8.63 -39.71 -24.64
CA ILE B 482 -7.94 -38.69 -23.85
C ILE B 482 -6.63 -38.33 -24.52
N THR B 483 -6.44 -37.03 -24.79
CA THR B 483 -5.18 -36.52 -25.29
C THR B 483 -4.63 -35.54 -24.26
N HIS B 484 -3.33 -35.35 -24.29
CA HIS B 484 -2.65 -34.52 -23.30
C HIS B 484 -1.82 -33.45 -24.01
N ASP B 485 -1.87 -32.23 -23.49
CA ASP B 485 -1.00 -31.17 -23.95
C ASP B 485 0.04 -30.93 -22.85
N VAL B 486 0.60 -29.73 -22.79
CA VAL B 486 1.68 -29.48 -21.84
C VAL B 486 1.19 -29.59 -20.41
N SER B 487 0.08 -28.92 -20.09
CA SER B 487 -0.40 -28.87 -18.70
C SER B 487 -1.86 -29.26 -18.52
N SER B 488 -2.55 -29.71 -19.57
CA SER B 488 -3.99 -29.96 -19.44
C SER B 488 -4.36 -31.24 -20.20
N ALA B 489 -5.65 -31.55 -20.20
CA ALA B 489 -6.20 -32.73 -20.85
C ALA B 489 -7.32 -32.32 -21.79
N ILE B 490 -7.54 -33.13 -22.81
CA ILE B 490 -8.55 -32.90 -23.84
C ILE B 490 -9.25 -34.22 -24.14
N ASN B 491 -10.57 -34.16 -24.34
CA ASN B 491 -11.36 -35.33 -24.74
C ASN B 491 -12.30 -34.92 -25.86
N ARG B 492 -11.80 -34.95 -27.10
CA ARG B 492 -12.60 -34.51 -28.23
C ARG B 492 -13.82 -35.40 -28.46
N PRO B 493 -13.74 -36.73 -28.33
CA PRO B 493 -14.95 -37.56 -28.44
C PRO B 493 -16.08 -37.09 -27.51
N GLN B 494 -15.77 -36.80 -26.24
CA GLN B 494 -16.83 -36.37 -25.34
C GLN B 494 -17.45 -35.08 -25.82
N ILE B 495 -16.65 -34.23 -26.44
CA ILE B 495 -17.19 -33.02 -27.06
C ILE B 495 -18.04 -33.38 -28.27
N GLY B 496 -17.62 -34.38 -29.04
CA GLY B 496 -18.45 -34.84 -30.14
C GLY B 496 -19.81 -35.31 -29.65
N VAL B 497 -19.85 -36.01 -28.52
CA VAL B 497 -21.11 -36.45 -27.97
C VAL B 497 -22.01 -35.26 -27.69
N VAL B 498 -21.42 -34.18 -27.15
CA VAL B 498 -22.23 -33.01 -26.80
C VAL B 498 -22.79 -32.39 -28.07
N ARG B 499 -21.97 -32.29 -29.12
CA ARG B 499 -22.42 -31.66 -30.36
C ARG B 499 -23.66 -32.36 -30.88
N GLU B 500 -23.65 -33.70 -30.86
CA GLU B 500 -24.81 -34.45 -31.34
C GLU B 500 -26.00 -34.20 -30.44
N PHE B 501 -25.78 -34.20 -29.12
CA PHE B 501 -26.88 -33.94 -28.20
C PHE B 501 -27.49 -32.57 -28.48
N LEU B 502 -26.65 -31.59 -28.77
CA LEU B 502 -27.15 -30.24 -29.05
C LEU B 502 -27.92 -30.24 -30.35
N THR B 503 -27.47 -31.05 -31.32
CA THR B 503 -28.13 -31.10 -32.62
C THR B 503 -29.53 -31.68 -32.47
N ARG B 504 -29.69 -32.67 -31.59
CA ARG B 504 -30.98 -33.31 -31.36
C ARG B 504 -31.78 -32.61 -30.26
N ASN B 505 -31.17 -31.65 -29.56
CA ASN B 505 -31.80 -30.95 -28.45
C ASN B 505 -31.40 -29.48 -28.50
N PRO B 506 -31.78 -28.78 -29.57
CA PRO B 506 -31.28 -27.41 -29.77
C PRO B 506 -31.56 -26.45 -28.63
N ALA B 507 -32.53 -26.74 -27.75
CA ALA B 507 -32.80 -25.80 -26.68
C ALA B 507 -31.62 -25.69 -25.72
N TRP B 508 -30.74 -26.69 -25.71
CA TRP B 508 -29.62 -26.71 -24.79
C TRP B 508 -28.48 -25.83 -25.26
N ARG B 509 -28.69 -25.02 -26.30
CA ARG B 509 -27.65 -24.14 -26.83
C ARG B 509 -27.50 -22.89 -25.98
N LYS B 510 -28.33 -22.73 -24.95
CA LYS B 510 -28.22 -21.64 -24.00
C LYS B 510 -27.50 -22.08 -22.73
N ALA B 511 -26.78 -23.19 -22.81
CA ALA B 511 -26.10 -23.78 -21.68
C ALA B 511 -24.67 -23.25 -21.56
N VAL B 512 -24.08 -23.52 -20.39
CA VAL B 512 -22.69 -23.22 -20.13
C VAL B 512 -21.96 -24.55 -20.16
N PHE B 513 -20.79 -24.57 -20.80
CA PHE B 513 -19.96 -25.77 -20.85
C PHE B 513 -18.96 -25.72 -19.70
N ILE B 514 -18.94 -26.78 -18.89
CA ILE B 514 -18.03 -26.90 -17.77
C ILE B 514 -17.22 -28.19 -17.88
N SER B 515 -15.90 -28.07 -17.72
CA SER B 515 -14.99 -29.22 -17.66
C SER B 515 -13.95 -28.98 -16.58
N PRO B 516 -13.22 -30.01 -16.14
CA PRO B 516 -12.15 -29.79 -15.15
C PRO B 516 -10.84 -29.30 -15.75
N TYR B 517 -10.76 -29.07 -17.07
CA TYR B 517 -9.53 -28.69 -17.75
C TYR B 517 -9.76 -27.53 -18.73
N ASN B 518 -8.88 -26.50 -18.66
CA ASN B 518 -8.92 -25.36 -19.57
CA ASN B 518 -8.95 -25.35 -19.57
C ASN B 518 -8.78 -25.72 -21.05
N SER B 519 -8.00 -26.75 -21.38
CA SER B 519 -7.83 -27.13 -22.78
C SER B 519 -9.10 -27.77 -23.33
N GLN B 520 -9.74 -28.64 -22.56
CA GLN B 520 -11.03 -29.16 -23.02
C GLN B 520 -11.98 -28.00 -23.27
N ASN B 521 -12.01 -27.02 -22.36
CA ASN B 521 -12.89 -25.88 -22.52
C ASN B 521 -12.59 -25.13 -23.82
N ALA B 522 -11.31 -24.87 -24.09
CA ALA B 522 -10.94 -24.14 -25.30
C ALA B 522 -11.38 -24.90 -26.55
N VAL B 523 -11.18 -26.22 -26.58
CA VAL B 523 -11.64 -27.00 -27.73
C VAL B 523 -13.16 -26.95 -27.82
N ALA B 524 -13.84 -27.08 -26.67
CA ALA B 524 -15.31 -27.04 -26.68
C ALA B 524 -15.84 -25.71 -27.15
N SER B 525 -15.17 -24.62 -26.76
CA SER B 525 -15.60 -23.29 -27.18
C SER B 525 -15.66 -23.18 -28.70
N LYS B 526 -14.64 -23.70 -29.38
CA LYS B 526 -14.59 -23.57 -30.84
C LYS B 526 -15.57 -24.50 -31.52
N ILE B 527 -15.75 -25.72 -30.99
CA ILE B 527 -16.58 -26.71 -31.67
C ILE B 527 -18.06 -26.50 -31.37
N LEU B 528 -18.39 -26.07 -30.15
CA LEU B 528 -19.78 -25.97 -29.71
C LEU B 528 -20.30 -24.55 -29.64
N GLY B 529 -19.43 -23.56 -29.43
CA GLY B 529 -19.86 -22.18 -29.35
C GLY B 529 -20.54 -21.81 -28.06
N LEU B 530 -20.50 -22.64 -27.10
CA LEU B 530 -21.09 -22.37 -25.81
C LEU B 530 -20.09 -21.65 -24.92
N PRO B 531 -20.56 -20.77 -24.02
CA PRO B 531 -19.64 -20.20 -23.03
C PRO B 531 -19.04 -21.33 -22.21
N THR B 532 -17.78 -21.16 -21.82
CA THR B 532 -17.05 -22.20 -21.09
C THR B 532 -16.59 -21.67 -19.74
N GLN B 533 -16.45 -22.60 -18.80
CA GLN B 533 -15.94 -22.32 -17.47
C GLN B 533 -15.31 -23.59 -16.91
N THR B 534 -14.16 -23.43 -16.26
CA THR B 534 -13.64 -24.55 -15.50
C THR B 534 -14.48 -24.67 -14.22
N VAL B 535 -14.47 -25.86 -13.62
CA VAL B 535 -15.23 -26.03 -12.39
C VAL B 535 -14.79 -25.01 -11.35
N ASP B 536 -13.47 -24.81 -11.22
CA ASP B 536 -12.96 -23.90 -10.20
C ASP B 536 -13.38 -22.46 -10.46
N SER B 537 -13.44 -22.04 -11.74
CA SER B 537 -13.88 -20.68 -12.04
C SER B 537 -15.38 -20.53 -11.90
N SER B 538 -16.14 -21.62 -12.01
CA SER B 538 -17.60 -21.58 -11.94
C SER B 538 -18.12 -21.42 -10.51
N GLN B 539 -17.32 -21.77 -9.50
CA GLN B 539 -17.77 -21.71 -8.12
C GLN B 539 -18.28 -20.31 -7.79
N GLY B 540 -19.49 -20.25 -7.23
CA GLY B 540 -20.13 -19.00 -6.90
C GLY B 540 -21.12 -18.50 -7.93
N SER B 541 -21.12 -19.08 -9.12
CA SER B 541 -21.98 -18.71 -10.23
C SER B 541 -23.05 -19.76 -10.45
N GLU B 542 -24.14 -19.35 -11.09
CA GLU B 542 -25.25 -20.24 -11.41
C GLU B 542 -25.70 -20.02 -12.84
N TYR B 543 -26.24 -21.07 -13.45
CA TYR B 543 -26.69 -21.04 -14.84
C TYR B 543 -27.88 -21.98 -14.98
N ASP B 544 -28.74 -21.70 -15.96
CA ASP B 544 -29.94 -22.52 -16.12
C ASP B 544 -29.57 -23.92 -16.60
N TYR B 545 -28.75 -24.01 -17.63
CA TYR B 545 -28.37 -25.29 -18.21
C TYR B 545 -26.85 -25.43 -18.19
N VAL B 546 -26.37 -26.60 -17.77
CA VAL B 546 -24.95 -26.89 -17.68
C VAL B 546 -24.66 -28.18 -18.42
N ILE B 547 -23.60 -28.18 -19.22
CA ILE B 547 -23.09 -29.38 -19.86
C ILE B 547 -21.68 -29.61 -19.35
N PHE B 548 -21.47 -30.75 -18.71
CA PHE B 548 -20.20 -31.09 -18.08
C PHE B 548 -19.61 -32.34 -18.74
N THR B 549 -18.34 -32.24 -19.15
CA THR B 549 -17.58 -33.41 -19.58
C THR B 549 -16.45 -33.60 -18.57
N GLN B 550 -16.42 -34.78 -17.94
CA GLN B 550 -15.40 -35.07 -16.95
C GLN B 550 -14.00 -35.11 -17.57
N THR B 551 -13.91 -35.47 -18.85
CA THR B 551 -12.67 -35.46 -19.65
C THR B 551 -11.75 -36.63 -19.34
N THR B 552 -11.46 -36.87 -18.06
CA THR B 552 -10.56 -37.95 -17.65
C THR B 552 -11.11 -38.59 -16.38
N GLU B 553 -10.37 -39.59 -15.90
CA GLU B 553 -10.67 -40.31 -14.66
C GLU B 553 -9.59 -40.09 -13.62
N THR B 554 -8.88 -38.96 -13.70
CA THR B 554 -7.81 -38.66 -12.74
C THR B 554 -8.39 -38.30 -11.37
N ALA B 555 -7.50 -38.16 -10.39
CA ALA B 555 -7.92 -37.69 -9.09
C ALA B 555 -8.47 -36.28 -9.17
N HIS B 556 -7.87 -35.44 -10.03
CA HIS B 556 -8.36 -34.08 -10.23
C HIS B 556 -9.79 -34.08 -10.75
N SER B 557 -10.12 -34.97 -11.68
CA SER B 557 -11.45 -34.98 -12.29
C SER B 557 -12.48 -35.73 -11.46
N CYS B 558 -12.04 -36.55 -10.50
CA CYS B 558 -12.93 -37.34 -9.66
C CYS B 558 -13.04 -36.79 -8.25
N ASN B 559 -12.42 -35.64 -7.96
CA ASN B 559 -12.52 -35.03 -6.65
C ASN B 559 -13.96 -34.68 -6.32
N VAL B 560 -14.49 -35.28 -5.23
CA VAL B 560 -15.89 -35.09 -4.87
C VAL B 560 -16.23 -33.62 -4.69
N ASN B 561 -15.31 -32.83 -4.14
CA ASN B 561 -15.58 -31.40 -3.97
C ASN B 561 -15.73 -30.71 -5.32
N ARG B 562 -14.80 -31.00 -6.24
CA ARG B 562 -14.92 -30.45 -7.58
C ARG B 562 -16.21 -30.91 -8.24
N PHE B 563 -16.52 -32.20 -8.13
CA PHE B 563 -17.75 -32.71 -8.72
C PHE B 563 -18.97 -32.05 -8.11
N ASN B 564 -18.97 -31.88 -6.78
CA ASN B 564 -20.08 -31.21 -6.11
C ASN B 564 -20.31 -29.82 -6.69
N VAL B 565 -19.24 -29.04 -6.85
CA VAL B 565 -19.39 -27.69 -7.40
C VAL B 565 -19.90 -27.75 -8.83
N ALA B 566 -19.35 -28.64 -9.64
CA ALA B 566 -19.71 -28.68 -11.05
C ALA B 566 -21.22 -28.84 -11.24
N ILE B 567 -21.82 -29.83 -10.57
CA ILE B 567 -23.24 -30.09 -10.83
C ILE B 567 -24.18 -29.15 -10.09
N THR B 568 -23.70 -28.45 -9.06
CA THR B 568 -24.57 -27.52 -8.32
C THR B 568 -24.67 -26.16 -8.98
N ARG B 569 -24.10 -25.99 -10.18
CA ARG B 569 -24.17 -24.73 -10.89
C ARG B 569 -25.49 -24.58 -11.65
N ALA B 570 -26.21 -25.68 -11.86
CA ALA B 570 -27.41 -25.70 -12.68
C ALA B 570 -28.66 -25.32 -11.89
N LYS B 571 -29.49 -24.48 -12.50
CA LYS B 571 -30.79 -24.11 -11.95
C LYS B 571 -31.93 -24.93 -12.53
N VAL B 572 -31.78 -25.44 -13.75
CA VAL B 572 -32.87 -26.14 -14.42
C VAL B 572 -32.45 -27.51 -14.91
N GLY B 573 -31.45 -27.57 -15.80
CA GLY B 573 -31.03 -28.82 -16.39
C GLY B 573 -29.51 -28.97 -16.39
N ILE B 574 -29.08 -30.23 -16.50
CA ILE B 574 -27.65 -30.54 -16.56
C ILE B 574 -27.45 -31.82 -17.37
N LEU B 575 -26.41 -31.83 -18.19
CA LEU B 575 -25.91 -33.01 -18.88
C LEU B 575 -24.48 -33.29 -18.43
N CYS B 576 -24.25 -34.45 -17.83
CA CYS B 576 -22.93 -34.92 -17.43
C CYS B 576 -22.45 -36.06 -18.32
N ILE B 577 -21.37 -35.84 -19.06
CA ILE B 577 -20.69 -36.90 -19.82
C ILE B 577 -19.60 -37.45 -18.91
N MET B 578 -19.83 -38.62 -18.32
CA MET B 578 -18.93 -39.19 -17.32
C MET B 578 -17.88 -40.13 -17.87
N SER B 579 -16.75 -40.18 -17.17
CA SER B 579 -15.65 -41.10 -17.44
C SER B 579 -15.44 -42.08 -16.31
N ASP B 580 -15.75 -41.66 -15.08
CA ASP B 580 -15.58 -42.50 -13.89
C ASP B 580 -16.91 -43.19 -13.59
N ARG B 581 -16.88 -44.52 -13.56
CA ARG B 581 -18.09 -45.28 -13.25
C ARG B 581 -18.59 -44.97 -11.85
N ASP B 582 -17.67 -44.74 -10.91
CA ASP B 582 -18.06 -44.48 -9.53
C ASP B 582 -18.98 -43.27 -9.43
N LEU B 583 -18.53 -42.12 -9.91
CA LEU B 583 -19.37 -40.92 -9.83
C LEU B 583 -20.58 -41.03 -10.74
N TYR B 584 -20.46 -41.72 -11.87
CA TYR B 584 -21.61 -41.90 -12.75
C TYR B 584 -22.72 -42.64 -12.02
N ASP B 585 -22.36 -43.62 -11.20
CA ASP B 585 -23.38 -44.40 -10.50
C ASP B 585 -23.98 -43.60 -9.35
N LYS B 586 -23.23 -42.64 -8.81
CA LYS B 586 -23.71 -41.78 -7.75
C LYS B 586 -24.69 -40.72 -8.25
N LEU B 587 -24.67 -40.42 -9.54
CA LEU B 587 -25.56 -39.41 -10.11
C LEU B 587 -26.98 -39.93 -10.19
N GLN B 588 -27.92 -39.22 -9.55
CA GLN B 588 -29.32 -39.61 -9.56
C GLN B 588 -30.04 -38.95 -10.74
N PHE B 589 -29.52 -39.22 -11.93
CA PHE B 589 -29.99 -38.62 -13.17
C PHE B 589 -30.47 -39.70 -14.12
N THR B 590 -31.10 -39.25 -15.19
CA THR B 590 -31.63 -40.15 -16.20
C THR B 590 -30.48 -40.57 -17.12
N SER B 591 -30.30 -41.88 -17.28
CA SER B 591 -29.25 -42.40 -18.14
C SER B 591 -29.64 -42.26 -19.60
N LEU B 592 -28.70 -41.78 -20.42
CA LEU B 592 -28.90 -41.66 -21.86
C LEU B 592 -27.90 -42.56 -22.58
N GLU B 593 -28.36 -43.20 -23.65
CA GLU B 593 -27.53 -44.12 -24.40
C GLU B 593 -26.66 -43.36 -25.39
N ILE B 594 -25.43 -43.82 -25.56
CA ILE B 594 -24.52 -43.18 -26.52
C ILE B 594 -24.99 -43.48 -27.94
N PRO B 595 -25.20 -42.45 -28.78
CA PRO B 595 -25.58 -42.64 -30.18
C PRO B 595 -24.50 -43.34 -30.99
ZN ZN C . -39.68 25.91 10.54
ZN ZN D . -17.53 25.18 10.61
ZN ZN E . -14.52 22.58 23.32
P PO4 F . 25.12 17.72 2.75
O1 PO4 F . 24.36 16.41 2.77
O2 PO4 F . 24.88 18.47 4.03
O3 PO4 F . 26.60 17.44 2.62
O4 PO4 F . 24.65 18.55 1.59
P PO4 G . 21.76 20.92 0.37
O1 PO4 G . 21.84 21.43 1.78
O2 PO4 G . 20.57 21.52 -0.33
O3 PO4 G . 23.03 21.31 -0.37
O4 PO4 G . 21.62 19.42 0.37
S1 MPO H . 8.22 29.06 -12.95
O1 MPO H . 9.48 28.43 -13.28
O2 MPO H . 7.14 28.15 -12.64
O4 MPO H . 4.82 33.12 -7.09
N1 MPO H . 6.26 32.37 -9.45
C1 MPO H . 8.50 30.06 -11.53
O3 MPO H . 7.84 30.00 -14.03
C2 MPO H . 7.21 30.70 -11.03
C3 MPO H . 7.47 31.88 -10.10
C4 MPO H . 6.53 33.62 -8.74
C5 MPO H . 5.28 34.09 -8.02
C6 MPO H . 4.55 31.90 -7.78
C7 MPO H . 5.77 31.38 -8.48
ZN ZN I . 16.25 -24.20 9.81
ZN ZN J . 13.09 -22.57 22.16
ZN ZN K . 38.28 -20.58 9.15
P PO4 L . -25.61 -19.07 -2.14
O1 PO4 L . -25.51 -19.81 -0.83
O2 PO4 L . -27.03 -18.67 -2.40
O3 PO4 L . -24.75 -17.82 -2.08
O4 PO4 L . -25.12 -19.96 -3.26
P PO4 M . -22.03 -21.64 -4.18
O1 PO4 M . -22.16 -22.14 -2.77
O2 PO4 M . -22.15 -20.14 -4.20
O3 PO4 M . -20.70 -22.05 -4.77
O4 PO4 M . -23.13 -22.24 -5.02
S1 MPO N . -6.09 -27.13 -16.26
O1 MPO N . -6.13 -28.25 -17.15
O2 MPO N . -7.12 -26.13 -16.45
O4 MPO N . -2.66 -32.09 -11.86
N1 MPO N . -4.46 -30.29 -12.42
C1 MPO N . -6.31 -27.77 -14.62
O3 MPO N . -4.75 -26.52 -16.26
C2 MPO N . -5.28 -28.84 -14.27
C3 MPO N . -5.41 -29.26 -12.83
C4 MPO N . -4.49 -31.45 -13.32
C5 MPO N . -3.21 -32.25 -13.17
C6 MPO N . -2.18 -30.76 -11.69
C7 MPO N . -3.09 -29.77 -12.38
C1 MYC O . -0.79 -14.95 21.20
C2 MYC O . -0.91 -13.84 20.36
C3 MYC O . -2.20 -13.32 20.06
C4 MYC O . -3.32 -13.94 20.65
C5 MYC O . -3.20 -15.05 21.49
C6 MYC O . -1.92 -15.55 21.77
C9 MYC O . -2.39 -12.19 19.20
C10 MYC O . -3.77 -11.75 18.98
C11 MYC O . -4.80 -12.42 19.59
C14 MYC O . -6.23 -12.08 19.47
C15 MYC O . -6.75 -11.63 18.25
C16 MYC O . -8.09 -11.30 18.13
C17 MYC O . -8.96 -11.42 19.23
C18 MYC O . -8.45 -11.87 20.47
C19 MYC O . -7.08 -12.20 20.58
O12 MYC O . -4.56 -13.49 20.40
O13 MYC O . -1.48 -11.57 18.65
O23 MYC O . -9.22 -12.00 21.58
O24 MYC O . -10.29 -11.11 19.20
O25 MYC O . -8.65 -10.86 16.97
O27 MYC O . -4.02 -10.67 18.18
O29 MYC O . -1.85 -16.62 22.59
O30 MYC O . 0.24 -13.32 19.87
H1 MYC O . 0.05 -15.28 21.40
H5 MYC O . -3.97 -15.44 21.86
H15 MYC O . -6.20 -11.55 17.51
H19 MYC O . -6.77 -12.49 21.40
HO3 MYC O . -10.06 -11.82 21.46
HO4 MYC O . -10.54 -10.80 18.45
HO5 MYC O . -8.09 -10.79 16.31
HO7 MYC O . -3.31 -10.35 17.81
HO9 MYC O . -1.05 -16.92 22.72
HO0 MYC O . 0.13 -12.76 19.23
#